data_4A6L
#
_entry.id   4A6L
#
_cell.length_a   82.234
_cell.length_b   82.234
_cell.length_c   170.654
_cell.angle_alpha   90.00
_cell.angle_beta   90.00
_cell.angle_gamma   90.00
#
_symmetry.space_group_name_H-M   'P 41'
#
loop_
_entity.id
_entity.type
_entity.pdbx_description
1 polymer 'TRYPTASE ALPHA/BETA-1'
2 non-polymer 1-{3-[1-({5-[(2-fluorophenyl)ethynyl]furan-2-yl}carbonyl)piperidin-4-yl]phenyl}methanamine
3 water water
#
_entity_poly.entity_id   1
_entity_poly.type   'polypeptide(L)'
_entity_poly.pdbx_seq_one_letter_code
;IVGGQEAPRSKWPWQVSLRVHGPYWMHFCGGSLIHPQWVLTAAHCVGPDVKDLAALRVQLREQHLYYQDQLLPVSRIIVH
PQFYTAQIGADIALLELEEPVKVSSHVHTVTLPPASETFPPGMPCWVTGWGDVDNDERLPPPFPLKQVKVPIMENHICDA
KYHLGAYTGDDVRIVRDDMLCAGNTRRDSCQGDSGGPLVCKVNGTWLQAGVVSWGEGCAQPNRPGIYTRVTYYLDWIHHY
VPKKP
;
_entity_poly.pdbx_strand_id   A,B,C,D
#
# COMPACT_ATOMS: atom_id res chain seq x y z
N ILE A 1 21.40 -2.82 4.62
CA ILE A 1 22.68 -2.12 4.83
C ILE A 1 22.60 -0.74 4.18
N VAL A 2 22.81 0.31 4.99
CA VAL A 2 22.85 1.72 4.56
C VAL A 2 24.34 2.08 4.33
N GLY A 3 24.63 2.62 3.14
CA GLY A 3 26.00 2.95 2.76
C GLY A 3 26.80 1.71 2.42
N GLY A 4 28.10 1.84 2.36
CA GLY A 4 28.98 0.73 2.02
C GLY A 4 28.88 0.25 0.58
N GLN A 5 28.89 -1.07 0.38
CA GLN A 5 28.89 -1.66 -0.97
C GLN A 5 28.57 -3.15 -0.97
N GLU A 6 28.46 -3.71 -2.19
CA GLU A 6 28.29 -5.13 -2.44
C GLU A 6 29.59 -5.83 -1.95
N ALA A 7 29.43 -6.88 -1.16
CA ALA A 7 30.57 -7.61 -0.60
C ALA A 7 31.27 -8.46 -1.65
N PRO A 8 32.64 -8.55 -1.62
CA PRO A 8 33.33 -9.48 -2.52
C PRO A 8 32.93 -10.93 -2.14
N ARG A 9 32.89 -11.83 -3.13
CA ARG A 9 32.50 -13.24 -2.96
C ARG A 9 33.29 -14.01 -1.90
N SER A 10 34.57 -13.67 -1.70
CA SER A 10 35.44 -14.31 -0.71
C SER A 10 35.21 -13.80 0.74
N LYS A 11 34.49 -12.68 0.92
CA LYS A 11 34.25 -12.11 2.25
C LYS A 11 32.98 -12.64 2.92
N TRP A 12 33.00 -12.67 4.27
CA TRP A 12 31.89 -13.07 5.16
C TRP A 12 31.34 -14.49 4.90
N PRO A 13 32.19 -15.54 5.03
CA PRO A 13 31.72 -16.92 4.78
C PRO A 13 30.66 -17.46 5.73
N TRP A 14 30.51 -16.84 6.91
CA TRP A 14 29.58 -17.21 7.97
C TRP A 14 28.17 -16.64 7.81
N GLN A 15 27.99 -15.67 6.89
CA GLN A 15 26.70 -15.00 6.68
C GLN A 15 25.61 -15.96 6.23
N VAL A 16 24.47 -15.95 6.93
CA VAL A 16 23.32 -16.78 6.54
C VAL A 16 22.06 -15.90 6.34
N SER A 17 21.08 -16.46 5.61
CA SER A 17 19.79 -15.84 5.34
C SER A 17 18.72 -16.72 5.94
N LEU A 18 17.79 -16.11 6.71
CA LEU A 18 16.65 -16.83 7.31
C LEU A 18 15.46 -16.66 6.39
N ARG A 19 14.78 -17.78 6.07
CA ARG A 19 13.68 -17.85 5.12
C ARG A 19 12.39 -18.33 5.70
N VAL A 20 11.30 -17.66 5.33
CA VAL A 20 9.94 -17.97 5.78
C VAL A 20 9.12 -18.53 4.59
N HIS A 21 8.36 -19.61 4.83
CA HIS A 21 7.52 -20.25 3.82
C HIS A 21 6.34 -19.33 3.43
N GLY A 22 6.09 -19.25 2.14
CA GLY A 22 5.01 -18.47 1.56
C GLY A 22 5.00 -18.67 0.06
N PRO A 23 4.60 -17.64 -0.74
CA PRO A 23 4.65 -17.76 -2.22
C PRO A 23 6.04 -18.19 -2.70
N TYR A 24 7.07 -17.79 -1.94
CA TYR A 24 8.47 -18.18 -2.10
C TYR A 24 9.15 -18.17 -0.73
N TRP A 25 10.33 -18.81 -0.60
CA TRP A 25 11.06 -18.82 0.67
C TRP A 25 11.74 -17.45 0.85
N MET A 26 10.98 -16.51 1.40
CA MET A 26 11.40 -15.12 1.52
C MET A 26 12.36 -14.83 2.68
N HIS A 27 13.39 -14.01 2.39
CA HIS A 27 14.35 -13.56 3.41
C HIS A 27 13.62 -12.63 4.40
N PHE A 28 13.84 -12.83 5.71
CA PHE A 28 13.22 -11.99 6.74
C PHE A 28 14.25 -11.51 7.77
N CYS A 29 15.39 -12.20 7.87
CA CYS A 29 16.44 -11.86 8.83
C CYS A 29 17.75 -12.50 8.38
N GLY A 30 18.81 -12.00 8.98
CA GLY A 30 20.16 -12.53 8.83
C GLY A 30 20.52 -13.48 9.96
N GLY A 31 21.72 -14.04 9.85
CA GLY A 31 22.28 -14.89 10.88
C GLY A 31 23.74 -15.15 10.60
N SER A 32 24.39 -15.89 11.50
CA SER A 32 25.80 -16.24 11.31
C SER A 32 26.05 -17.69 11.72
N LEU A 33 26.87 -18.39 10.94
CA LEU A 33 27.27 -19.77 11.24
C LEU A 33 28.39 -19.69 12.29
N ILE A 34 28.09 -20.14 13.52
CA ILE A 34 29.05 -20.08 14.64
C ILE A 34 29.65 -21.46 14.98
N HIS A 35 29.05 -22.52 14.42
CA HIS A 35 29.44 -23.92 14.57
C HIS A 35 28.86 -24.63 13.33
N PRO A 36 29.47 -25.74 12.83
CA PRO A 36 28.90 -26.42 11.64
C PRO A 36 27.42 -26.76 11.72
N GLN A 37 26.86 -26.89 12.94
CA GLN A 37 25.44 -27.21 13.11
C GLN A 37 24.61 -26.09 13.81
N TRP A 38 25.22 -24.91 14.05
CA TRP A 38 24.54 -23.82 14.76
C TRP A 38 24.59 -22.45 14.11
N VAL A 39 23.43 -21.80 14.06
CA VAL A 39 23.28 -20.44 13.55
C VAL A 39 22.92 -19.50 14.72
N LEU A 40 23.66 -18.40 14.84
CA LEU A 40 23.40 -17.35 15.79
C LEU A 40 22.55 -16.29 15.06
N THR A 41 21.48 -15.82 15.71
CA THR A 41 20.56 -14.80 15.17
C THR A 41 19.98 -13.97 16.32
N ALA A 42 19.00 -13.10 16.01
CA ALA A 42 18.30 -12.27 16.97
C ALA A 42 17.02 -12.98 17.32
N ALA A 43 16.65 -12.95 18.60
CA ALA A 43 15.42 -13.56 19.09
C ALA A 43 14.17 -12.92 18.46
N HIS A 44 14.20 -11.61 18.13
CA HIS A 44 13.05 -10.92 17.54
C HIS A 44 12.73 -11.41 16.14
N CYS A 45 13.68 -12.07 15.50
CA CYS A 45 13.50 -12.67 14.18
C CYS A 45 12.62 -13.89 14.29
N VAL A 46 12.70 -14.63 15.40
CA VAL A 46 12.00 -15.91 15.59
C VAL A 46 11.03 -15.95 16.77
N GLY A 47 10.94 -14.85 17.51
CA GLY A 47 10.08 -14.74 18.68
C GLY A 47 9.50 -13.37 18.94
N PRO A 48 8.87 -13.15 20.13
CA PRO A 48 8.73 -14.08 21.28
C PRO A 48 7.78 -15.26 21.07
N ASP A 49 6.91 -15.21 20.06
CA ASP A 49 5.97 -16.31 19.83
C ASP A 49 6.61 -17.48 19.14
N VAL A 50 6.21 -18.69 19.54
CA VAL A 50 6.68 -19.95 18.98
C VAL A 50 6.03 -20.15 17.59
N LYS A 51 6.85 -20.37 16.57
CA LYS A 51 6.35 -20.64 15.21
C LYS A 51 6.78 -22.05 14.79
N ASP A 52 6.11 -22.60 13.77
CA ASP A 52 6.37 -23.93 13.23
C ASP A 52 7.77 -24.02 12.59
N LEU A 53 8.55 -25.04 13.01
CA LEU A 53 9.89 -25.37 12.52
C LEU A 53 9.91 -25.61 10.99
N ALA A 54 8.84 -26.23 10.45
CA ALA A 54 8.66 -26.52 9.02
C ALA A 54 8.59 -25.24 8.16
N ALA A 55 8.13 -24.11 8.76
CA ALA A 55 7.97 -22.81 8.11
C ALA A 55 9.28 -21.99 8.04
N LEU A 56 10.41 -22.57 8.52
CA LEU A 56 11.71 -21.93 8.50
C LEU A 56 12.77 -22.75 7.76
N ARG A 57 13.66 -22.06 7.01
CA ARG A 57 14.82 -22.59 6.31
C ARG A 57 16.00 -21.66 6.50
N VAL A 58 17.22 -22.22 6.43
CA VAL A 58 18.46 -21.46 6.53
C VAL A 58 19.14 -21.57 5.16
N GLN A 59 19.63 -20.45 4.67
CA GLN A 59 20.38 -20.37 3.42
C GLN A 59 21.77 -19.90 3.78
N LEU A 60 22.81 -20.70 3.43
CA LEU A 60 24.21 -20.34 3.69
C LEU A 60 24.66 -19.24 2.73
N ARG A 61 25.86 -18.64 2.96
CA ARG A 61 26.38 -17.54 2.15
C ARG A 61 26.05 -17.66 0.69
N GLU A 62 25.39 -16.61 0.18
CA GLU A 62 24.89 -16.47 -1.18
C GLU A 62 25.30 -15.10 -1.65
N GLN A 63 25.86 -15.00 -2.88
CA GLN A 63 26.25 -13.68 -3.38
C GLN A 63 25.02 -12.84 -3.65
N HIS A 64 24.04 -13.44 -4.32
CA HIS A 64 22.78 -12.82 -4.69
C HIS A 64 21.65 -13.65 -4.13
N LEU A 65 20.83 -13.06 -3.23
CA LEU A 65 19.69 -13.76 -2.63
C LEU A 65 18.79 -14.38 -3.69
N TYR A 66 18.32 -15.61 -3.43
CA TYR A 66 17.35 -16.38 -4.22
C TYR A 66 17.88 -17.06 -5.48
N TYR A 67 19.01 -16.61 -6.01
CA TYR A 67 19.51 -17.14 -7.27
C TYR A 67 20.08 -18.56 -7.23
N GLN A 68 20.81 -18.94 -6.18
CA GLN A 68 21.36 -20.30 -6.12
C GLN A 68 21.01 -20.99 -4.78
N ASP A 69 19.72 -20.94 -4.41
CA ASP A 69 19.21 -21.50 -3.15
C ASP A 69 19.40 -22.99 -2.98
N GLN A 70 19.91 -23.36 -1.81
CA GLN A 70 20.13 -24.71 -1.29
C GLN A 70 19.70 -24.57 0.18
N LEU A 71 18.38 -24.62 0.40
CA LEU A 71 17.77 -24.41 1.71
C LEU A 71 17.97 -25.54 2.68
N LEU A 72 18.21 -25.16 3.94
CA LEU A 72 18.50 -26.09 5.04
C LEU A 72 17.44 -26.10 6.14
N PRO A 73 16.92 -27.30 6.50
CA PRO A 73 15.93 -27.37 7.59
C PRO A 73 16.60 -27.20 8.96
N VAL A 74 15.79 -26.82 9.95
CA VAL A 74 16.19 -26.55 11.34
C VAL A 74 15.50 -27.56 12.24
N SER A 75 16.25 -28.14 13.20
CA SER A 75 15.68 -29.13 14.14
C SER A 75 15.28 -28.47 15.47
N ARG A 76 15.91 -27.33 15.80
CA ARG A 76 15.64 -26.61 17.04
C ARG A 76 15.79 -25.09 16.92
N ILE A 77 14.84 -24.36 17.52
CA ILE A 77 14.87 -22.90 17.65
C ILE A 77 14.99 -22.63 19.16
N ILE A 78 16.15 -22.12 19.60
CA ILE A 78 16.39 -21.80 21.01
C ILE A 78 16.46 -20.28 21.17
N VAL A 79 15.43 -19.71 21.78
CA VAL A 79 15.32 -18.27 22.02
C VAL A 79 15.64 -18.00 23.49
N HIS A 80 16.48 -16.97 23.74
CA HIS A 80 16.83 -16.59 25.10
C HIS A 80 15.55 -16.39 25.95
N PRO A 81 15.46 -17.09 27.12
CA PRO A 81 14.23 -16.98 27.93
C PRO A 81 13.91 -15.59 28.49
N GLN A 82 14.89 -14.69 28.57
CA GLN A 82 14.64 -13.33 29.05
C GLN A 82 14.03 -12.45 27.95
N PHE A 83 14.08 -12.90 26.68
CA PHE A 83 13.56 -12.12 25.58
C PHE A 83 12.03 -12.03 25.46
N TYR A 84 11.56 -10.78 25.25
CA TYR A 84 10.22 -10.47 24.77
C TYR A 84 10.18 -9.29 23.79
N THR A 85 11.06 -8.27 23.95
CA THR A 85 11.25 -7.13 23.02
C THR A 85 12.75 -6.83 22.88
N ALA A 86 13.17 -6.30 21.71
CA ALA A 86 14.58 -5.90 21.46
C ALA A 86 15.01 -4.72 22.36
N GLN A 87 14.05 -3.84 22.74
CA GLN A 87 14.35 -2.68 23.59
C GLN A 87 14.65 -3.10 25.03
N ILE A 88 14.03 -4.20 25.52
CA ILE A 88 14.32 -4.70 26.86
C ILE A 88 15.70 -5.39 26.82
N GLY A 89 15.94 -6.17 25.77
CA GLY A 89 17.20 -6.88 25.61
C GLY A 89 17.02 -8.38 25.49
N ALA A 90 18.13 -9.12 25.64
CA ALA A 90 18.25 -10.57 25.47
C ALA A 90 17.82 -10.96 24.03
N ASP A 91 18.07 -10.04 23.06
CA ASP A 91 17.70 -10.27 21.66
C ASP A 91 18.73 -11.15 20.95
N ILE A 92 18.67 -12.44 21.29
CA ILE A 92 19.59 -13.47 20.83
C ILE A 92 18.87 -14.81 20.76
N ALA A 93 19.17 -15.57 19.73
CA ALA A 93 18.59 -16.89 19.52
C ALA A 93 19.59 -17.80 18.81
N LEU A 94 19.36 -19.12 18.90
CA LEU A 94 20.18 -20.13 18.28
C LEU A 94 19.31 -21.03 17.43
N LEU A 95 19.80 -21.37 16.23
CA LEU A 95 19.09 -22.29 15.36
C LEU A 95 20.00 -23.51 15.19
N GLU A 96 19.46 -24.69 15.48
CA GLU A 96 20.22 -25.92 15.29
C GLU A 96 19.81 -26.48 13.94
N LEU A 97 20.78 -26.65 13.03
CA LEU A 97 20.49 -27.22 11.71
C LEU A 97 20.27 -28.73 11.87
N GLU A 98 19.38 -29.32 11.04
CA GLU A 98 19.09 -30.76 11.10
C GLU A 98 20.37 -31.58 10.95
N GLU A 99 21.29 -31.09 10.10
CA GLU A 99 22.56 -31.72 9.80
C GLU A 99 23.70 -30.72 9.89
N PRO A 100 24.95 -31.15 10.20
CA PRO A 100 26.06 -30.19 10.18
C PRO A 100 26.42 -29.83 8.74
N VAL A 101 27.03 -28.67 8.52
CA VAL A 101 27.43 -28.24 7.18
C VAL A 101 28.84 -28.71 6.87
N LYS A 102 29.14 -28.94 5.58
CA LYS A 102 30.50 -29.31 5.15
C LYS A 102 31.27 -27.99 4.97
N VAL A 103 32.03 -27.62 6.02
CA VAL A 103 32.82 -26.39 6.09
C VAL A 103 33.93 -26.31 5.02
N SER A 104 34.03 -25.15 4.32
CA SER A 104 35.00 -24.90 3.26
C SER A 104 35.63 -23.50 3.40
N SER A 105 36.33 -23.03 2.34
CA SER A 105 36.94 -21.70 2.32
C SER A 105 35.87 -20.62 2.07
N HIS A 106 34.87 -20.94 1.22
CA HIS A 106 33.79 -20.03 0.87
C HIS A 106 32.66 -19.97 1.93
N VAL A 107 32.44 -21.08 2.66
CA VAL A 107 31.43 -21.21 3.72
C VAL A 107 32.03 -21.84 5.00
N HIS A 108 32.24 -21.01 6.03
CA HIS A 108 32.76 -21.45 7.33
C HIS A 108 32.30 -20.59 8.51
N THR A 109 32.58 -21.03 9.74
CA THR A 109 32.17 -20.35 10.97
C THR A 109 32.90 -19.05 11.27
N VAL A 110 32.24 -18.16 12.05
CA VAL A 110 32.81 -16.94 12.58
C VAL A 110 33.28 -17.29 14.00
N THR A 111 34.29 -16.59 14.50
CA THR A 111 34.81 -16.83 15.85
C THR A 111 34.06 -15.94 16.82
N LEU A 112 33.62 -16.52 17.95
CA LEU A 112 32.98 -15.75 19.01
C LEU A 112 34.08 -15.03 19.79
N PRO A 113 33.84 -13.83 20.35
CA PRO A 113 34.92 -13.15 21.07
C PRO A 113 35.19 -13.73 22.46
N PRO A 114 36.36 -13.48 23.10
CA PRO A 114 36.55 -13.96 24.47
C PRO A 114 35.70 -13.09 25.40
N ALA A 115 35.41 -13.55 26.64
CA ALA A 115 34.61 -12.78 27.60
C ALA A 115 35.10 -11.36 27.91
N SER A 116 36.43 -11.18 27.91
CA SER A 116 37.15 -9.93 28.18
C SER A 116 37.00 -8.84 27.09
N GLU A 117 36.81 -9.24 25.80
CA GLU A 117 36.70 -8.33 24.65
C GLU A 117 35.61 -7.27 24.79
N THR A 118 36.02 -5.99 24.74
CA THR A 118 35.14 -4.83 24.90
C THR A 118 34.70 -4.10 23.62
N PHE A 119 35.54 -4.17 22.56
CA PHE A 119 35.37 -3.49 21.27
C PHE A 119 35.26 -1.95 21.43
N PRO A 120 36.37 -1.26 21.75
CA PRO A 120 36.30 0.20 21.95
C PRO A 120 36.18 1.00 20.65
N PRO A 121 35.80 2.31 20.72
CA PRO A 121 35.78 3.14 19.50
C PRO A 121 37.12 3.10 18.76
N GLY A 122 37.06 3.22 17.44
CA GLY A 122 38.24 3.19 16.58
C GLY A 122 38.52 1.83 15.96
N MET A 123 37.96 0.76 16.56
CA MET A 123 38.09 -0.62 16.10
C MET A 123 37.47 -0.79 14.71
N PRO A 124 38.13 -1.53 13.79
CA PRO A 124 37.55 -1.72 12.46
C PRO A 124 36.45 -2.78 12.50
N CYS A 125 35.19 -2.35 12.39
CA CYS A 125 34.03 -3.25 12.43
C CYS A 125 33.15 -3.12 11.20
N TRP A 126 32.63 -4.28 10.75
CA TRP A 126 31.79 -4.37 9.58
C TRP A 126 30.46 -5.06 9.87
N VAL A 127 29.37 -4.47 9.37
CA VAL A 127 28.05 -5.08 9.39
C VAL A 127 27.62 -5.55 7.98
N THR A 128 27.04 -6.74 7.90
CA THR A 128 26.66 -7.33 6.61
C THR A 128 25.21 -7.85 6.58
N GLY A 129 24.65 -7.95 5.38
CA GLY A 129 23.29 -8.46 5.20
C GLY A 129 22.61 -7.99 3.93
N TRP A 130 21.39 -8.49 3.72
CA TRP A 130 20.56 -8.21 2.54
C TRP A 130 19.35 -7.31 2.91
N GLY A 131 19.49 -6.55 3.99
CA GLY A 131 18.43 -5.66 4.45
C GLY A 131 18.29 -4.39 3.63
N ASP A 132 17.29 -3.60 3.99
CA ASP A 132 16.97 -2.31 3.38
C ASP A 132 18.17 -1.38 3.23
N VAL A 133 18.29 -0.72 2.06
CA VAL A 133 19.39 0.24 1.78
C VAL A 133 19.19 1.65 2.38
N ASP A 134 17.97 1.91 2.93
CA ASP A 134 17.59 3.12 3.65
C ASP A 134 16.21 2.92 4.24
N ASN A 135 15.69 3.89 4.98
CA ASN A 135 14.37 3.78 5.59
C ASN A 135 13.31 3.58 4.52
N ASP A 136 12.53 2.48 4.63
CA ASP A 136 11.47 2.05 3.70
C ASP A 136 11.96 1.95 2.23
N GLU A 137 13.22 1.55 2.04
CA GLU A 137 13.85 1.41 0.74
C GLU A 137 14.48 0.01 0.69
N ARG A 138 13.80 -0.92 0.00
CA ARG A 138 14.26 -2.32 -0.10
C ARG A 138 15.56 -2.43 -0.88
N LEU A 139 16.35 -3.50 -0.58
CA LEU A 139 17.56 -3.80 -1.36
C LEU A 139 17.03 -4.22 -2.74
N PRO A 140 17.43 -3.53 -3.83
CA PRO A 140 16.89 -3.88 -5.16
C PRO A 140 17.35 -5.25 -5.68
N PRO A 141 16.58 -5.91 -6.59
CA PRO A 141 17.12 -7.14 -7.23
C PRO A 141 18.42 -6.79 -8.00
N PRO A 142 19.43 -7.67 -8.18
CA PRO A 142 19.50 -9.10 -7.85
C PRO A 142 19.88 -9.43 -6.38
N PHE A 143 19.64 -8.47 -5.48
CA PHE A 143 19.84 -8.63 -4.03
C PHE A 143 21.26 -9.05 -3.63
N PRO A 144 22.28 -8.22 -3.90
CA PRO A 144 23.63 -8.61 -3.49
C PRO A 144 23.84 -8.50 -1.98
N LEU A 145 24.72 -9.36 -1.45
CA LEU A 145 25.08 -9.24 -0.03
C LEU A 145 25.88 -7.93 0.08
N LYS A 146 25.45 -7.06 1.00
CA LYS A 146 26.12 -5.79 1.21
C LYS A 146 26.93 -5.82 2.51
N GLN A 147 27.90 -4.90 2.60
CA GLN A 147 28.76 -4.70 3.77
C GLN A 147 28.92 -3.21 3.98
N VAL A 148 29.18 -2.80 5.22
CA VAL A 148 29.46 -1.41 5.55
C VAL A 148 30.35 -1.39 6.80
N LYS A 149 31.42 -0.58 6.76
CA LYS A 149 32.30 -0.37 7.89
C LYS A 149 31.57 0.62 8.81
N VAL A 150 31.41 0.27 10.08
CA VAL A 150 30.65 1.12 11.02
C VAL A 150 31.50 1.53 12.21
N PRO A 151 31.44 2.80 12.64
CA PRO A 151 32.21 3.19 13.83
C PRO A 151 31.54 2.78 15.13
N ILE A 152 32.34 2.23 16.05
CA ILE A 152 31.90 1.86 17.41
C ILE A 152 31.74 3.13 18.22
N MET A 153 30.64 3.18 19.00
CA MET A 153 30.31 4.26 19.92
C MET A 153 30.16 3.68 21.32
N GLU A 154 30.88 4.23 22.33
CA GLU A 154 30.83 3.82 23.75
C GLU A 154 29.35 3.80 24.21
N ASN A 155 28.93 2.75 24.94
CA ASN A 155 27.54 2.58 25.40
C ASN A 155 26.94 3.86 25.97
N HIS A 156 27.67 4.54 26.93
CA HIS A 156 27.29 5.80 27.58
C HIS A 156 27.09 6.98 26.62
N ILE A 157 27.95 7.13 25.61
CA ILE A 157 27.85 8.17 24.57
C ILE A 157 26.60 7.87 23.73
N CYS A 158 26.39 6.58 23.40
CA CYS A 158 25.23 6.14 22.61
C CYS A 158 23.93 6.36 23.37
N ASP A 159 23.90 6.03 24.70
CA ASP A 159 22.74 6.23 25.54
C ASP A 159 22.35 7.70 25.59
N ALA A 160 23.36 8.60 25.71
CA ALA A 160 23.17 10.06 25.73
C ALA A 160 22.61 10.52 24.40
N LYS A 161 23.12 9.97 23.30
CA LYS A 161 22.58 10.30 21.97
C LYS A 161 21.11 9.96 21.79
N TYR A 162 20.66 8.79 22.34
CA TYR A 162 19.27 8.34 22.34
C TYR A 162 18.34 9.23 23.18
N HIS A 163 18.90 9.97 24.15
CA HIS A 163 18.12 10.92 24.97
C HIS A 163 17.93 12.28 24.26
N LEU A 164 18.75 12.61 23.25
CA LEU A 164 18.64 13.86 22.49
C LEU A 164 17.36 13.84 21.65
N GLY A 165 16.52 14.87 21.82
CA GLY A 165 15.25 14.97 21.14
C GLY A 165 14.22 13.96 21.62
N ALA A 166 14.36 13.50 22.88
CA ALA A 166 13.44 12.54 23.51
C ALA A 166 13.02 13.03 24.89
N TYR A 167 11.85 12.57 25.40
CA TYR A 167 11.36 12.96 26.74
C TYR A 167 11.96 12.13 27.87
N THR A 168 12.53 10.95 27.52
CA THR A 168 13.11 9.98 28.45
C THR A 168 14.13 10.66 29.36
N GLY A 169 13.95 10.42 30.68
CA GLY A 169 14.81 10.95 31.72
C GLY A 169 16.23 10.47 31.52
N ASP A 170 17.22 11.35 31.77
CA ASP A 170 18.65 11.04 31.59
C ASP A 170 19.13 9.86 32.43
N ASP A 171 18.46 9.64 33.57
CA ASP A 171 18.73 8.56 34.53
C ASP A 171 18.13 7.21 34.05
N VAL A 172 17.32 7.23 32.97
CA VAL A 172 16.69 6.06 32.38
C VAL A 172 17.59 5.53 31.27
N ARG A 173 18.13 4.33 31.45
CA ARG A 173 19.03 3.71 30.50
C ARG A 173 18.29 3.11 29.30
N ILE A 174 18.56 3.63 28.11
CA ILE A 174 17.95 3.15 26.86
C ILE A 174 18.87 2.07 26.28
N VAL A 175 20.17 2.39 26.10
CA VAL A 175 21.17 1.45 25.60
C VAL A 175 21.67 0.69 26.85
N ARG A 176 21.30 -0.60 26.98
CA ARG A 176 21.66 -1.43 28.13
C ARG A 176 23.06 -2.02 27.98
N ASP A 177 23.58 -2.59 29.07
CA ASP A 177 24.92 -3.17 29.15
C ASP A 177 25.10 -4.41 28.26
N ASP A 178 23.98 -5.09 27.98
CA ASP A 178 23.92 -6.26 27.12
C ASP A 178 23.76 -5.83 25.64
N MET A 179 23.93 -4.51 25.37
CA MET A 179 23.81 -3.93 24.03
C MET A 179 25.13 -3.28 23.66
N LEU A 180 25.30 -3.01 22.37
CA LEU A 180 26.49 -2.41 21.79
C LEU A 180 26.01 -1.48 20.66
N CYS A 181 26.68 -0.33 20.49
CA CYS A 181 26.33 0.64 19.47
C CYS A 181 27.34 0.76 18.37
N ALA A 182 26.85 0.88 17.13
CA ALA A 182 27.68 1.06 15.93
C ALA A 182 26.89 1.79 14.84
N GLY A 183 27.60 2.62 14.06
CA GLY A 183 27.04 3.33 12.92
C GLY A 183 26.85 4.81 13.11
N ASN A 184 26.49 5.51 12.02
CA ASN A 184 26.21 6.96 12.02
C ASN A 184 25.15 7.25 10.94
N THR A 185 25.05 8.52 10.50
CA THR A 185 24.07 8.95 9.50
C THR A 185 24.34 8.51 8.04
N ARG A 186 25.47 7.84 7.78
CA ARG A 186 25.80 7.39 6.43
C ARG A 186 26.04 5.88 6.39
N ARG A 187 26.32 5.28 7.56
CA ARG A 187 26.67 3.85 7.66
C ARG A 187 25.83 3.17 8.74
N ASP A 188 25.04 2.15 8.37
CA ASP A 188 24.18 1.46 9.33
C ASP A 188 23.62 0.14 8.77
N SER A 189 23.02 -0.64 9.68
CA SER A 189 22.24 -1.83 9.41
C SER A 189 20.80 -1.30 9.28
N CYS A 190 19.91 -2.06 8.66
CA CYS A 190 18.52 -1.63 8.48
C CYS A 190 17.61 -2.86 8.51
N GLN A 191 16.28 -2.67 8.43
CA GLN A 191 15.30 -3.77 8.45
C GLN A 191 15.72 -4.82 7.43
N GLY A 192 15.75 -6.07 7.86
CA GLY A 192 16.18 -7.17 7.02
C GLY A 192 17.59 -7.62 7.32
N ASP A 193 18.38 -6.75 8.01
CA ASP A 193 19.75 -7.09 8.43
C ASP A 193 19.73 -7.71 9.82
N SER A 194 18.61 -7.55 10.56
CA SER A 194 18.39 -8.08 11.92
C SER A 194 18.80 -9.52 12.03
N GLY A 195 19.47 -9.85 13.12
CA GLY A 195 19.97 -11.21 13.34
C GLY A 195 21.37 -11.45 12.81
N GLY A 196 21.74 -10.66 11.80
CA GLY A 196 23.03 -10.74 11.14
C GLY A 196 24.20 -10.29 12.00
N PRO A 197 25.42 -10.48 11.48
CA PRO A 197 26.60 -10.16 12.30
C PRO A 197 27.23 -8.80 12.17
N LEU A 198 27.81 -8.34 13.29
CA LEU A 198 28.68 -7.20 13.39
C LEU A 198 30.01 -7.86 13.74
N VAL A 199 30.99 -7.81 12.82
CA VAL A 199 32.30 -8.41 13.03
C VAL A 199 33.40 -7.36 13.13
N CYS A 200 34.34 -7.55 14.07
CA CYS A 200 35.48 -6.67 14.26
C CYS A 200 36.78 -7.46 14.09
N LYS A 201 37.77 -6.87 13.40
CA LYS A 201 39.07 -7.54 13.24
C LYS A 201 39.93 -7.17 14.45
N VAL A 202 40.24 -8.19 15.27
CA VAL A 202 41.04 -8.05 16.50
C VAL A 202 42.25 -9.01 16.38
N ASN A 203 43.49 -8.44 16.37
CA ASN A 203 44.76 -9.19 16.25
C ASN A 203 44.75 -10.20 15.09
N GLY A 204 44.32 -9.73 13.92
CA GLY A 204 44.21 -10.53 12.70
C GLY A 204 43.09 -11.57 12.68
N THR A 205 42.19 -11.55 13.70
CA THR A 205 41.06 -12.48 13.77
C THR A 205 39.72 -11.73 13.76
N TRP A 206 38.77 -12.20 12.91
CA TRP A 206 37.43 -11.62 12.86
C TRP A 206 36.61 -12.22 14.01
N LEU A 207 36.13 -11.35 14.90
CA LEU A 207 35.32 -11.73 16.05
C LEU A 207 33.92 -11.15 15.92
N GLN A 208 32.87 -11.95 16.21
CA GLN A 208 31.51 -11.40 16.17
C GLN A 208 31.21 -10.63 17.45
N ALA A 209 31.28 -9.30 17.35
CA ALA A 209 31.02 -8.38 18.45
C ALA A 209 29.53 -8.27 18.77
N GLY A 210 28.70 -8.28 17.73
CA GLY A 210 27.27 -8.09 17.92
C GLY A 210 26.35 -8.81 16.98
N VAL A 211 25.05 -8.76 17.34
CA VAL A 211 23.94 -9.28 16.55
C VAL A 211 23.06 -8.06 16.24
N VAL A 212 22.73 -7.80 14.94
CA VAL A 212 21.85 -6.70 14.55
C VAL A 212 20.53 -6.85 15.31
N SER A 213 20.19 -5.84 16.14
CA SER A 213 19.00 -5.92 17.00
C SER A 213 17.93 -4.86 16.71
N TRP A 214 18.23 -3.57 16.98
CA TRP A 214 17.25 -2.52 16.78
C TRP A 214 17.90 -1.16 16.63
N GLY A 215 17.07 -0.14 16.67
CA GLY A 215 17.44 1.27 16.64
C GLY A 215 16.24 2.08 16.23
N GLU A 216 16.37 3.41 16.17
CA GLU A 216 15.26 4.24 15.73
C GLU A 216 15.55 4.54 14.27
N GLY A 217 14.85 3.82 13.39
CA GLY A 217 15.09 3.95 11.96
C GLY A 217 16.47 3.46 11.58
N CYS A 218 16.99 3.98 10.48
CA CYS A 218 18.28 3.58 9.91
C CYS A 218 19.05 4.82 9.52
N ALA A 219 20.32 4.90 9.97
CA ALA A 219 21.22 6.05 9.73
C ALA A 219 20.56 7.42 10.01
N GLN A 220 19.76 7.50 11.10
CA GLN A 220 19.09 8.72 11.54
C GLN A 220 19.98 9.51 12.48
N PRO A 221 19.92 10.88 12.45
CA PRO A 221 20.74 11.68 13.39
C PRO A 221 20.52 11.29 14.85
N ASN A 222 21.62 11.09 15.60
CA ASN A 222 21.61 10.77 17.02
C ASN A 222 20.98 9.42 17.37
N ARG A 223 20.83 8.53 16.35
CA ARG A 223 20.25 7.19 16.57
C ARG A 223 21.14 6.07 16.01
N PRO A 224 22.34 5.80 16.60
CA PRO A 224 23.18 4.69 16.10
C PRO A 224 22.49 3.32 16.16
N GLY A 225 22.93 2.39 15.32
CA GLY A 225 22.42 1.03 15.30
C GLY A 225 22.72 0.33 16.61
N ILE A 226 21.75 -0.42 17.13
CA ILE A 226 21.92 -1.14 18.40
C ILE A 226 22.02 -2.64 18.14
N TYR A 227 23.05 -3.25 18.74
CA TYR A 227 23.39 -4.64 18.58
C TYR A 227 23.31 -5.36 19.90
N THR A 228 22.97 -6.65 19.87
CA THR A 228 23.04 -7.49 21.05
C THR A 228 24.57 -7.72 21.23
N ARG A 229 25.10 -7.46 22.43
CA ARG A 229 26.50 -7.64 22.78
C ARG A 229 26.75 -9.14 23.03
N VAL A 230 27.41 -9.83 22.05
CA VAL A 230 27.71 -11.29 22.09
C VAL A 230 28.37 -11.75 23.42
N THR A 231 29.41 -11.03 23.90
CA THR A 231 30.13 -11.37 25.15
C THR A 231 29.23 -11.56 26.35
N TYR A 232 28.12 -10.82 26.41
CA TYR A 232 27.16 -10.92 27.49
C TYR A 232 26.43 -12.27 27.52
N TYR A 233 26.31 -12.95 26.35
CA TYR A 233 25.57 -14.21 26.24
C TYR A 233 26.42 -15.45 25.98
N LEU A 234 27.76 -15.33 26.14
CA LEU A 234 28.70 -16.43 25.93
C LEU A 234 28.39 -17.70 26.71
N ASP A 235 27.99 -17.59 28.00
CA ASP A 235 27.61 -18.73 28.86
C ASP A 235 26.34 -19.40 28.35
N TRP A 236 25.34 -18.60 27.96
CA TRP A 236 24.09 -19.11 27.41
C TRP A 236 24.35 -19.83 26.08
N ILE A 237 25.18 -19.24 25.19
CA ILE A 237 25.54 -19.83 23.88
C ILE A 237 26.26 -21.17 24.11
N HIS A 238 27.24 -21.18 25.04
CA HIS A 238 28.02 -22.37 25.40
C HIS A 238 27.22 -23.51 26.06
N HIS A 239 26.03 -23.23 26.60
CA HIS A 239 25.17 -24.27 27.17
C HIS A 239 24.65 -25.21 26.03
N TYR A 240 24.50 -24.65 24.80
CA TYR A 240 23.99 -25.36 23.63
C TYR A 240 25.02 -25.66 22.56
N VAL A 241 25.98 -24.75 22.37
CA VAL A 241 26.97 -24.86 21.31
C VAL A 241 28.31 -25.40 21.81
N PRO A 242 28.84 -26.49 21.20
CA PRO A 242 30.15 -27.03 21.64
C PRO A 242 31.32 -26.09 21.36
N LYS A 243 31.25 -25.31 20.38
N ILE B 1 -12.46 16.98 -6.74
CA ILE B 1 -12.43 18.37 -7.25
C ILE B 1 -11.08 19.00 -6.91
N VAL B 2 -10.34 19.44 -7.94
CA VAL B 2 -9.04 20.12 -7.83
C VAL B 2 -9.35 21.64 -7.86
N GLY B 3 -8.82 22.38 -6.87
CA GLY B 3 -9.07 23.80 -6.74
C GLY B 3 -10.48 24.07 -6.23
N GLY B 4 -10.94 25.29 -6.37
CA GLY B 4 -12.27 25.66 -5.90
C GLY B 4 -12.44 25.67 -4.40
N GLN B 5 -13.60 25.20 -3.90
CA GLN B 5 -13.94 25.25 -2.48
C GLN B 5 -15.13 24.36 -2.12
N GLU B 6 -15.44 24.28 -0.81
CA GLU B 6 -16.58 23.61 -0.24
C GLU B 6 -17.82 24.37 -0.74
N ALA B 7 -18.80 23.64 -1.25
CA ALA B 7 -20.01 24.25 -1.79
C ALA B 7 -20.93 24.78 -0.68
N PRO B 8 -21.60 25.96 -0.88
CA PRO B 8 -22.61 26.40 0.10
C PRO B 8 -23.76 25.38 0.10
N ARG B 9 -24.42 25.19 1.26
CA ARG B 9 -25.53 24.24 1.46
C ARG B 9 -26.71 24.42 0.48
N SER B 10 -26.97 25.67 0.04
CA SER B 10 -28.05 25.99 -0.90
C SER B 10 -27.72 25.67 -2.37
N LYS B 11 -26.43 25.43 -2.68
CA LYS B 11 -26.00 25.15 -4.07
C LYS B 11 -26.00 23.66 -4.43
N TRP B 12 -26.21 23.38 -5.73
CA TRP B 12 -26.20 22.04 -6.37
C TRP B 12 -27.18 21.02 -5.77
N PRO B 13 -28.50 21.33 -5.76
CA PRO B 13 -29.49 20.39 -5.16
C PRO B 13 -29.65 19.03 -5.86
N TRP B 14 -29.18 18.93 -7.12
CA TRP B 14 -29.26 17.73 -7.97
C TRP B 14 -28.11 16.74 -7.77
N GLN B 15 -27.05 17.15 -7.07
CA GLN B 15 -25.87 16.30 -6.84
C GLN B 15 -26.21 15.02 -6.05
N VAL B 16 -25.78 13.87 -6.58
CA VAL B 16 -25.95 12.59 -5.90
C VAL B 16 -24.61 11.87 -5.74
N SER B 17 -24.57 10.94 -4.77
CA SER B 17 -23.43 10.08 -4.48
C SER B 17 -23.83 8.62 -4.77
N LEU B 18 -22.99 7.89 -5.53
CA LEU B 18 -23.22 6.47 -5.82
C LEU B 18 -22.42 5.67 -4.80
N ARG B 19 -23.08 4.68 -4.17
CA ARG B 19 -22.52 3.86 -3.09
C ARG B 19 -22.45 2.39 -3.40
N VAL B 20 -21.32 1.79 -3.07
CA VAL B 20 -21.06 0.35 -3.28
C VAL B 20 -21.03 -0.38 -1.93
N HIS B 21 -21.71 -1.53 -1.85
CA HIS B 21 -21.76 -2.35 -0.63
C HIS B 21 -20.39 -2.95 -0.31
N GLY B 22 -20.03 -2.90 0.97
CA GLY B 22 -18.79 -3.44 1.51
C GLY B 22 -18.78 -3.25 3.01
N PRO B 23 -17.59 -3.04 3.62
CA PRO B 23 -17.55 -2.75 5.07
C PRO B 23 -18.46 -1.61 5.46
N TYR B 24 -18.66 -0.65 4.52
CA TYR B 24 -19.58 0.46 4.60
C TYR B 24 -20.04 0.81 3.17
N TRP B 25 -21.13 1.60 3.03
CA TRP B 25 -21.63 1.99 1.72
C TRP B 25 -20.74 3.12 1.20
N MET B 26 -19.64 2.74 0.56
CA MET B 26 -18.60 3.65 0.11
C MET B 26 -18.91 4.40 -1.18
N HIS B 27 -18.61 5.70 -1.23
CA HIS B 27 -18.76 6.54 -2.42
C HIS B 27 -17.75 6.07 -3.47
N PHE B 28 -18.20 5.93 -4.74
CA PHE B 28 -17.33 5.50 -5.84
C PHE B 28 -17.50 6.40 -7.07
N CYS B 29 -18.64 7.13 -7.16
CA CYS B 29 -18.91 8.00 -8.29
C CYS B 29 -19.99 8.99 -7.90
N GLY B 30 -20.08 10.07 -8.66
CA GLY B 30 -21.15 11.04 -8.51
C GLY B 30 -22.24 10.75 -9.52
N GLY B 31 -23.27 11.57 -9.48
CA GLY B 31 -24.40 11.53 -10.40
C GLY B 31 -25.23 12.79 -10.25
N SER B 32 -26.29 12.90 -11.01
CA SER B 32 -27.21 14.05 -10.94
C SER B 32 -28.65 13.60 -11.07
N LEU B 33 -29.54 14.21 -10.26
CA LEU B 33 -30.97 13.95 -10.30
C LEU B 33 -31.52 14.76 -11.48
N ILE B 34 -31.96 14.06 -12.53
CA ILE B 34 -32.48 14.71 -13.75
C ILE B 34 -34.01 14.63 -13.86
N HIS B 35 -34.62 13.77 -13.02
CA HIS B 35 -36.06 13.53 -12.93
C HIS B 35 -36.27 12.98 -11.51
N PRO B 36 -37.45 13.18 -10.86
CA PRO B 36 -37.66 12.61 -9.50
C PRO B 36 -37.31 11.13 -9.34
N GLN B 37 -37.36 10.34 -10.44
CA GLN B 37 -37.05 8.91 -10.35
C GLN B 37 -35.79 8.49 -11.15
N TRP B 38 -35.04 9.47 -11.71
CA TRP B 38 -33.87 9.17 -12.55
C TRP B 38 -32.59 9.89 -12.20
N VAL B 39 -31.50 9.11 -12.15
CA VAL B 39 -30.15 9.63 -11.92
C VAL B 39 -29.32 9.46 -13.20
N LEU B 40 -28.65 10.55 -13.62
CA LEU B 40 -27.75 10.55 -14.75
C LEU B 40 -26.34 10.36 -14.15
N THR B 41 -25.55 9.47 -14.76
CA THR B 41 -24.18 9.19 -14.34
C THR B 41 -23.33 8.79 -15.55
N ALA B 42 -22.09 8.34 -15.30
CA ALA B 42 -21.18 7.87 -16.34
C ALA B 42 -21.32 6.37 -16.38
N ALA B 43 -21.26 5.80 -17.58
CA ALA B 43 -21.34 4.36 -17.78
C ALA B 43 -20.17 3.62 -17.15
N HIS B 44 -18.97 4.25 -17.11
CA HIS B 44 -17.79 3.62 -16.56
C HIS B 44 -17.90 3.44 -15.03
N CYS B 45 -18.81 4.16 -14.41
CA CYS B 45 -19.06 4.01 -12.98
C CYS B 45 -19.78 2.68 -12.70
N VAL B 46 -20.62 2.24 -13.64
CA VAL B 46 -21.47 1.03 -13.47
C VAL B 46 -21.22 -0.08 -14.51
N GLY B 47 -20.28 0.14 -15.42
CA GLY B 47 -19.97 -0.79 -16.51
C GLY B 47 -18.52 -0.77 -16.99
N PRO B 48 -18.18 -1.48 -18.09
CA PRO B 48 -19.08 -2.25 -18.99
C PRO B 48 -19.65 -3.53 -18.40
N ASP B 49 -19.05 -4.08 -17.33
CA ASP B 49 -19.58 -5.32 -16.75
C ASP B 49 -20.83 -5.10 -15.94
N VAL B 50 -21.80 -6.03 -16.04
CA VAL B 50 -23.06 -5.99 -15.30
C VAL B 50 -22.78 -6.38 -13.83
N LYS B 51 -23.17 -5.50 -12.89
CA LYS B 51 -23.05 -5.75 -11.45
C LYS B 51 -24.45 -5.87 -10.83
N ASP B 52 -24.50 -6.49 -9.64
CA ASP B 52 -25.71 -6.72 -8.87
C ASP B 52 -26.31 -5.40 -8.38
N LEU B 53 -27.62 -5.22 -8.66
CA LEU B 53 -28.44 -4.09 -8.30
C LEU B 53 -28.46 -3.89 -6.77
N ALA B 54 -28.50 -4.99 -6.02
CA ALA B 54 -28.50 -5.03 -4.56
C ALA B 54 -27.22 -4.43 -3.92
N ALA B 55 -26.11 -4.38 -4.71
CA ALA B 55 -24.81 -3.87 -4.27
C ALA B 55 -24.66 -2.36 -4.54
N LEU B 56 -25.74 -1.70 -4.99
CA LEU B 56 -25.76 -0.27 -5.33
C LEU B 56 -26.83 0.50 -4.56
N ARG B 57 -26.46 1.71 -4.07
CA ARG B 57 -27.38 2.67 -3.45
C ARG B 57 -27.09 4.07 -3.97
N VAL B 58 -28.13 4.90 -3.99
CA VAL B 58 -28.02 6.33 -4.35
C VAL B 58 -28.22 7.17 -3.06
N GLN B 59 -27.35 8.18 -2.88
CA GLN B 59 -27.41 9.13 -1.78
C GLN B 59 -27.71 10.50 -2.40
N LEU B 60 -28.80 11.14 -1.98
CA LEU B 60 -29.13 12.48 -2.46
C LEU B 60 -28.21 13.53 -1.82
N ARG B 61 -28.29 14.81 -2.29
CA ARG B 61 -27.42 15.88 -1.81
C ARG B 61 -27.12 15.83 -0.32
N GLU B 62 -25.85 15.78 -0.03
CA GLU B 62 -25.30 15.68 1.30
C GLU B 62 -24.21 16.72 1.41
N GLN B 63 -24.25 17.55 2.45
CA GLN B 63 -23.18 18.54 2.65
C GLN B 63 -21.83 17.87 2.93
N HIS B 64 -21.84 16.82 3.80
CA HIS B 64 -20.68 16.03 4.20
C HIS B 64 -21.00 14.55 3.99
N LEU B 65 -20.24 13.87 3.09
CA LEU B 65 -20.43 12.44 2.80
C LEU B 65 -20.45 11.60 4.08
N TYR B 66 -21.34 10.58 4.14
CA TYR B 66 -21.53 9.55 5.18
C TYR B 66 -22.22 9.98 6.49
N TYR B 67 -22.16 11.27 6.82
CA TYR B 67 -22.71 11.82 8.07
C TYR B 67 -24.23 11.86 8.26
N GLN B 68 -25.03 11.96 7.19
CA GLN B 68 -26.49 11.93 7.35
C GLN B 68 -27.14 11.08 6.24
N ASP B 69 -26.60 9.86 6.01
CA ASP B 69 -27.03 8.95 4.94
C ASP B 69 -28.45 8.47 5.07
N GLN B 70 -29.18 8.54 3.94
CA GLN B 70 -30.54 8.06 3.72
C GLN B 70 -30.45 7.41 2.31
N LEU B 71 -29.96 6.16 2.28
CA LEU B 71 -29.67 5.44 1.05
C LEU B 71 -30.85 4.94 0.30
N LEU B 72 -30.81 5.11 -1.04
CA LEU B 72 -31.90 4.74 -1.92
C LEU B 72 -31.59 3.57 -2.86
N PRO B 73 -32.47 2.54 -2.90
CA PRO B 73 -32.25 1.44 -3.84
C PRO B 73 -32.60 1.84 -5.27
N VAL B 74 -32.03 1.11 -6.23
CA VAL B 74 -32.17 1.31 -7.66
C VAL B 74 -32.95 0.09 -8.20
N SER B 75 -33.84 0.29 -9.16
CA SER B 75 -34.61 -0.81 -9.79
C SER B 75 -34.03 -1.15 -11.18
N ARG B 76 -33.36 -0.18 -11.83
CA ARG B 76 -32.78 -0.37 -13.15
C ARG B 76 -31.50 0.41 -13.38
N ILE B 77 -30.49 -0.24 -13.97
CA ILE B 77 -29.23 0.35 -14.41
C ILE B 77 -29.24 0.26 -15.95
N ILE B 78 -29.33 1.42 -16.62
CA ILE B 78 -29.35 1.47 -18.08
C ILE B 78 -28.06 2.14 -18.55
N VAL B 79 -27.20 1.35 -19.15
CA VAL B 79 -25.90 1.79 -19.66
C VAL B 79 -26.00 1.89 -21.17
N HIS B 80 -25.48 3.01 -21.74
CA HIS B 80 -25.47 3.21 -23.18
C HIS B 80 -24.85 1.99 -23.88
N PRO B 81 -25.57 1.39 -24.86
CA PRO B 81 -25.04 0.16 -25.50
C PRO B 81 -23.75 0.32 -26.28
N GLN B 82 -23.42 1.57 -26.68
CA GLN B 82 -22.20 1.84 -27.42
C GLN B 82 -20.98 1.84 -26.51
N PHE B 83 -21.18 1.97 -25.18
CA PHE B 83 -20.09 2.03 -24.22
C PHE B 83 -19.29 0.76 -23.93
N TYR B 84 -17.97 0.89 -23.94
CA TYR B 84 -17.03 -0.09 -23.37
C TYR B 84 -15.87 0.56 -22.65
N THR B 85 -15.33 1.69 -23.14
CA THR B 85 -14.33 2.48 -22.38
C THR B 85 -14.65 3.99 -22.54
N ALA B 86 -14.27 4.80 -21.54
CA ALA B 86 -14.47 6.26 -21.55
C ALA B 86 -13.73 6.93 -22.70
N GLN B 87 -12.58 6.36 -23.13
CA GLN B 87 -11.78 6.93 -24.23
C GLN B 87 -12.47 6.77 -25.61
N ILE B 88 -13.25 5.70 -25.77
CA ILE B 88 -14.01 5.53 -27.01
C ILE B 88 -15.23 6.48 -26.98
N GLY B 89 -15.88 6.60 -25.82
CA GLY B 89 -17.04 7.45 -25.67
C GLY B 89 -18.29 6.71 -25.25
N ALA B 90 -19.48 7.36 -25.43
CA ALA B 90 -20.80 6.90 -24.97
C ALA B 90 -20.77 6.65 -23.44
N ASP B 91 -19.94 7.43 -22.70
CA ASP B 91 -19.79 7.25 -21.25
C ASP B 91 -20.93 7.92 -20.50
N ILE B 92 -22.08 7.25 -20.54
CA ILE B 92 -23.34 7.74 -19.99
C ILE B 92 -24.22 6.57 -19.57
N ALA B 93 -24.88 6.73 -18.44
CA ALA B 93 -25.79 5.73 -17.89
C ALA B 93 -26.93 6.38 -17.14
N LEU B 94 -28.02 5.62 -16.94
CA LEU B 94 -29.19 6.06 -16.22
C LEU B 94 -29.50 5.10 -15.10
N LEU B 95 -29.85 5.64 -13.93
CA LEU B 95 -30.25 4.81 -12.80
C LEU B 95 -31.69 5.14 -12.48
N GLU B 96 -32.55 4.12 -12.47
CA GLU B 96 -33.94 4.34 -12.11
C GLU B 96 -34.08 4.00 -10.63
N LEU B 97 -34.51 4.98 -9.82
CA LEU B 97 -34.71 4.75 -8.39
C LEU B 97 -35.98 3.91 -8.21
N GLU B 98 -36.00 3.03 -7.18
CA GLU B 98 -37.17 2.18 -6.89
C GLU B 98 -38.41 3.03 -6.70
N GLU B 99 -38.23 4.22 -6.11
CA GLU B 99 -39.31 5.17 -5.82
C GLU B 99 -38.94 6.57 -6.26
N PRO B 100 -39.92 7.44 -6.64
CA PRO B 100 -39.57 8.83 -6.95
C PRO B 100 -39.20 9.60 -5.68
N VAL B 101 -38.40 10.65 -5.79
CA VAL B 101 -38.00 11.46 -4.64
C VAL B 101 -39.00 12.59 -4.39
N LYS B 102 -39.16 12.99 -3.11
CA LYS B 102 -40.01 14.13 -2.73
C LYS B 102 -39.14 15.38 -2.92
N VAL B 103 -39.29 16.01 -4.10
CA VAL B 103 -38.54 17.20 -4.53
C VAL B 103 -38.82 18.45 -3.66
N SER B 104 -37.75 19.14 -3.26
CA SER B 104 -37.82 20.34 -2.41
C SER B 104 -36.86 21.45 -2.93
N SER B 105 -36.63 22.49 -2.10
CA SER B 105 -35.71 23.58 -2.44
C SER B 105 -34.24 23.11 -2.29
N HIS B 106 -33.98 22.27 -1.27
CA HIS B 106 -32.64 21.73 -0.98
C HIS B 106 -32.25 20.54 -1.88
N VAL B 107 -33.24 19.73 -2.33
CA VAL B 107 -33.03 18.58 -3.20
C VAL B 107 -34.02 18.61 -4.38
N HIS B 108 -33.52 18.91 -5.59
CA HIS B 108 -34.32 18.94 -6.82
C HIS B 108 -33.51 18.65 -8.09
N THR B 109 -34.21 18.46 -9.23
CA THR B 109 -33.58 18.12 -10.51
C THR B 109 -32.79 19.25 -11.17
N VAL B 110 -31.83 18.86 -12.03
CA VAL B 110 -31.05 19.76 -12.88
C VAL B 110 -31.77 19.73 -14.26
N THR B 111 -31.67 20.82 -15.02
CA THR B 111 -32.31 20.92 -16.34
C THR B 111 -31.32 20.43 -17.37
N LEU B 112 -31.80 19.59 -18.29
CA LEU B 112 -30.97 19.11 -19.41
C LEU B 112 -30.93 20.25 -20.44
N PRO B 113 -29.83 20.42 -21.22
CA PRO B 113 -29.81 21.52 -22.18
C PRO B 113 -30.63 21.22 -23.45
N PRO B 114 -31.03 22.24 -24.24
CA PRO B 114 -31.72 21.93 -25.52
C PRO B 114 -30.69 21.36 -26.50
N ALA B 115 -31.13 20.69 -27.58
CA ALA B 115 -30.20 20.09 -28.56
C ALA B 115 -29.21 21.05 -29.22
N SER B 116 -29.63 22.31 -29.39
CA SER B 116 -28.87 23.41 -29.99
C SER B 116 -27.70 23.94 -29.13
N GLU B 117 -27.77 23.85 -27.76
CA GLU B 117 -26.74 24.41 -26.88
C GLU B 117 -25.36 23.78 -27.03
N THR B 118 -24.40 24.61 -27.38
CA THR B 118 -23.02 24.19 -27.64
C THR B 118 -22.03 24.40 -26.50
N PHE B 119 -22.33 25.32 -25.58
CA PHE B 119 -21.48 25.75 -24.45
C PHE B 119 -20.08 26.24 -24.92
N PRO B 120 -20.00 27.42 -25.58
CA PRO B 120 -18.69 27.87 -26.07
C PRO B 120 -17.75 28.35 -24.96
N PRO B 121 -16.42 28.48 -25.20
CA PRO B 121 -15.53 29.10 -24.19
C PRO B 121 -16.09 30.46 -23.72
N GLY B 122 -15.91 30.77 -22.44
CA GLY B 122 -16.43 31.99 -21.82
C GLY B 122 -17.70 31.79 -21.01
N MET B 123 -18.32 30.60 -21.13
CA MET B 123 -19.54 30.26 -20.39
C MET B 123 -19.19 29.98 -18.91
N PRO B 124 -19.94 30.55 -17.94
CA PRO B 124 -19.62 30.25 -16.53
C PRO B 124 -20.11 28.83 -16.19
N CYS B 125 -19.17 27.91 -16.02
CA CYS B 125 -19.46 26.49 -15.72
C CYS B 125 -18.78 25.99 -14.46
N TRP B 126 -19.51 25.17 -13.71
CA TRP B 126 -19.06 24.61 -12.45
C TRP B 126 -19.15 23.07 -12.46
N VAL B 127 -18.12 22.42 -11.93
CA VAL B 127 -18.11 20.97 -11.74
C VAL B 127 -18.07 20.68 -10.23
N THR B 128 -18.88 19.72 -9.78
CA THR B 128 -19.04 19.41 -8.37
C THR B 128 -18.85 17.93 -8.05
N GLY B 129 -18.47 17.67 -6.81
CA GLY B 129 -18.28 16.29 -6.35
C GLY B 129 -17.48 16.10 -5.07
N TRP B 130 -17.35 14.83 -4.67
CA TRP B 130 -16.59 14.43 -3.48
C TRP B 130 -15.30 13.66 -3.88
N GLY B 131 -14.84 13.87 -5.10
CA GLY B 131 -13.64 13.23 -5.62
C GLY B 131 -12.34 13.79 -5.08
N ASP B 132 -11.23 13.20 -5.50
CA ASP B 132 -9.88 13.57 -5.06
C ASP B 132 -9.58 15.04 -5.30
N VAL B 133 -8.86 15.63 -4.34
CA VAL B 133 -8.52 17.05 -4.38
C VAL B 133 -7.29 17.36 -5.25
N ASP B 134 -6.60 16.30 -5.67
CA ASP B 134 -5.44 16.30 -6.56
C ASP B 134 -5.12 14.84 -6.94
N ASN B 135 -4.14 14.64 -7.86
CA ASN B 135 -3.68 13.31 -8.24
C ASN B 135 -3.21 12.55 -6.98
N ASP B 136 -3.85 11.40 -6.70
CA ASP B 136 -3.59 10.49 -5.56
C ASP B 136 -3.71 11.18 -4.20
N GLU B 137 -4.63 12.14 -4.09
CA GLU B 137 -4.88 12.94 -2.89
C GLU B 137 -6.38 12.88 -2.61
N ARG B 138 -6.81 12.01 -1.69
CA ARG B 138 -8.22 11.86 -1.36
C ARG B 138 -8.80 13.10 -0.73
N LEU B 139 -10.13 13.31 -0.91
CA LEU B 139 -10.85 14.38 -0.23
C LEU B 139 -10.80 14.03 1.29
N PRO B 140 -10.23 14.90 2.14
CA PRO B 140 -10.13 14.57 3.57
C PRO B 140 -11.47 14.52 4.31
N PRO B 141 -11.59 13.76 5.44
CA PRO B 141 -12.83 13.86 6.26
C PRO B 141 -12.98 15.32 6.76
N PRO B 142 -14.19 15.89 7.00
CA PRO B 142 -15.54 15.30 6.95
C PRO B 142 -16.18 15.18 5.55
N PHE B 143 -15.33 15.18 4.51
CA PHE B 143 -15.76 14.97 3.10
C PHE B 143 -16.81 15.98 2.61
N PRO B 144 -16.49 17.28 2.58
CA PRO B 144 -17.46 18.26 2.08
C PRO B 144 -17.67 18.15 0.57
N LEU B 145 -18.88 18.49 0.11
CA LEU B 145 -19.13 18.58 -1.33
C LEU B 145 -18.34 19.79 -1.81
N LYS B 146 -17.50 19.60 -2.82
CA LYS B 146 -16.70 20.66 -3.38
C LYS B 146 -17.25 21.12 -4.74
N GLN B 147 -16.88 22.34 -5.14
CA GLN B 147 -17.25 22.95 -6.43
C GLN B 147 -16.00 23.65 -6.96
N VAL B 148 -15.92 23.78 -8.27
CA VAL B 148 -14.85 24.52 -8.94
C VAL B 148 -15.38 25.08 -10.25
N LYS B 149 -15.11 26.38 -10.52
CA LYS B 149 -15.49 27.03 -11.76
C LYS B 149 -14.42 26.60 -12.76
N VAL B 150 -14.85 26.05 -13.91
CA VAL B 150 -13.89 25.56 -14.90
C VAL B 150 -14.06 26.25 -16.23
N PRO B 151 -12.96 26.63 -16.92
CA PRO B 151 -13.13 27.23 -18.25
C PRO B 151 -13.38 26.16 -19.33
N ILE B 152 -14.36 26.40 -20.18
CA ILE B 152 -14.64 25.51 -21.31
C ILE B 152 -13.57 25.68 -22.39
N MET B 153 -13.16 24.57 -23.03
CA MET B 153 -12.25 24.56 -24.16
C MET B 153 -13.01 23.99 -25.36
N GLU B 154 -12.98 24.70 -26.54
CA GLU B 154 -13.63 24.19 -27.78
C GLU B 154 -12.94 22.85 -28.15
N ASN B 155 -13.74 21.85 -28.54
CA ASN B 155 -13.32 20.46 -28.84
C ASN B 155 -12.03 20.22 -29.61
N HIS B 156 -11.88 20.88 -30.80
CA HIS B 156 -10.70 20.70 -31.65
C HIS B 156 -9.43 21.14 -30.95
N ILE B 157 -9.52 22.20 -30.16
CA ILE B 157 -8.38 22.70 -29.39
C ILE B 157 -8.03 21.70 -28.29
N CYS B 158 -9.03 21.19 -27.61
CA CYS B 158 -8.80 20.18 -26.56
C CYS B 158 -8.20 18.89 -27.15
N ASP B 159 -8.66 18.47 -28.35
CA ASP B 159 -8.15 17.29 -29.09
C ASP B 159 -6.67 17.50 -29.43
N ALA B 160 -6.36 18.71 -29.97
CA ALA B 160 -4.98 19.05 -30.29
C ALA B 160 -4.14 19.13 -28.98
N LYS B 161 -4.71 19.66 -27.88
CA LYS B 161 -3.94 19.67 -26.60
C LYS B 161 -3.49 18.27 -26.15
N TYR B 162 -4.37 17.26 -26.34
CA TYR B 162 -4.12 15.85 -26.02
C TYR B 162 -3.03 15.23 -26.88
N HIS B 163 -2.76 15.82 -28.06
CA HIS B 163 -1.68 15.35 -28.95
C HIS B 163 -0.31 15.91 -28.56
N LEU B 164 -0.28 17.01 -27.79
CA LEU B 164 0.97 17.65 -27.35
C LEU B 164 1.69 16.73 -26.36
N GLY B 165 2.95 16.41 -26.64
CA GLY B 165 3.75 15.52 -25.82
C GLY B 165 3.30 14.06 -25.89
N ALA B 166 2.64 13.67 -27.01
CA ALA B 166 2.14 12.32 -27.29
C ALA B 166 2.58 11.87 -28.69
N TYR B 167 2.61 10.54 -28.93
CA TYR B 167 3.01 9.98 -30.22
C TYR B 167 1.86 9.92 -31.24
N THR B 168 0.61 9.97 -30.73
CA THR B 168 -0.63 9.86 -31.50
C THR B 168 -0.63 10.85 -32.66
N GLY B 169 -0.89 10.35 -33.86
CA GLY B 169 -0.95 11.17 -35.07
C GLY B 169 -1.98 12.27 -34.93
N ASP B 170 -1.65 13.48 -35.43
CA ASP B 170 -2.52 14.66 -35.38
C ASP B 170 -3.87 14.44 -36.04
N ASP B 171 -3.91 13.56 -37.04
CA ASP B 171 -5.11 13.17 -37.79
C ASP B 171 -6.01 12.18 -37.01
N VAL B 172 -5.50 11.64 -35.89
CA VAL B 172 -6.21 10.66 -35.04
C VAL B 172 -6.96 11.43 -33.95
N ARG B 173 -8.30 11.39 -33.96
CA ARG B 173 -9.12 12.10 -33.01
C ARG B 173 -9.17 11.40 -31.63
N ILE B 174 -8.69 12.11 -30.61
CA ILE B 174 -8.70 11.65 -29.21
C ILE B 174 -9.97 12.15 -28.55
N VAL B 175 -10.21 13.46 -28.64
CA VAL B 175 -11.38 14.10 -28.03
C VAL B 175 -12.46 14.14 -29.11
N ARG B 176 -13.48 13.28 -28.92
CA ARG B 176 -14.57 13.08 -29.87
C ARG B 176 -15.66 14.12 -29.74
N ASP B 177 -16.55 14.17 -30.75
CA ASP B 177 -17.66 15.13 -30.82
C ASP B 177 -18.71 14.93 -29.74
N ASP B 178 -18.81 13.70 -29.22
CA ASP B 178 -19.70 13.33 -28.13
C ASP B 178 -19.06 13.66 -26.75
N MET B 179 -17.93 14.40 -26.78
CA MET B 179 -17.19 14.78 -25.59
C MET B 179 -17.13 16.29 -25.50
N LEU B 180 -16.79 16.79 -24.32
CA LEU B 180 -16.71 18.20 -24.03
C LEU B 180 -15.51 18.38 -23.09
N CYS B 181 -14.74 19.47 -23.29
CA CYS B 181 -13.59 19.79 -22.45
C CYS B 181 -13.75 20.98 -21.53
N ALA B 182 -13.27 20.82 -20.30
CA ALA B 182 -13.29 21.90 -19.31
C ALA B 182 -12.15 21.73 -18.30
N GLY B 183 -11.65 22.85 -17.79
CA GLY B 183 -10.61 22.87 -16.77
C GLY B 183 -9.23 23.26 -17.25
N ASN B 184 -8.32 23.44 -16.31
CA ASN B 184 -6.92 23.79 -16.56
C ASN B 184 -6.02 23.17 -15.46
N THR B 185 -4.79 23.68 -15.29
CA THR B 185 -3.83 23.17 -14.31
C THR B 185 -4.15 23.51 -12.84
N ARG B 186 -5.21 24.30 -12.57
CA ARG B 186 -5.59 24.65 -11.20
C ARG B 186 -7.01 24.26 -10.89
N ARG B 187 -7.83 24.03 -11.92
CA ARG B 187 -9.26 23.76 -11.74
C ARG B 187 -9.66 22.52 -12.56
N ASP B 188 -10.15 21.47 -11.87
CA ASP B 188 -10.52 20.23 -12.55
C ASP B 188 -11.36 19.30 -11.67
N SER B 189 -11.90 18.27 -12.33
CA SER B 189 -12.61 17.16 -11.69
C SER B 189 -11.50 16.11 -11.52
N CYS B 190 -11.70 15.14 -10.63
CA CYS B 190 -10.69 14.13 -10.40
C CYS B 190 -11.36 12.78 -10.04
N GLN B 191 -10.58 11.72 -9.80
CA GLN B 191 -11.12 10.41 -9.45
C GLN B 191 -12.09 10.53 -8.29
N GLY B 192 -13.28 9.96 -8.46
CA GLY B 192 -14.36 10.05 -7.49
C GLY B 192 -15.42 11.06 -7.88
N ASP B 193 -15.09 11.98 -8.81
CA ASP B 193 -16.05 12.98 -9.32
C ASP B 193 -16.78 12.42 -10.54
N SER B 194 -16.23 11.36 -11.15
CA SER B 194 -16.78 10.66 -12.35
C SER B 194 -18.28 10.41 -12.20
N GLY B 195 -19.00 10.67 -13.27
CA GLY B 195 -20.45 10.50 -13.29
C GLY B 195 -21.21 11.71 -12.83
N GLY B 196 -20.54 12.60 -12.10
CA GLY B 196 -21.11 13.83 -11.59
C GLY B 196 -21.33 14.90 -12.66
N PRO B 197 -21.96 16.01 -12.28
CA PRO B 197 -22.29 17.04 -13.27
C PRO B 197 -21.31 18.18 -13.50
N LEU B 198 -21.32 18.66 -14.73
CA LEU B 198 -20.71 19.91 -15.18
C LEU B 198 -21.95 20.75 -15.55
N VAL B 199 -22.20 21.82 -14.81
CA VAL B 199 -23.36 22.69 -15.06
C VAL B 199 -22.92 24.10 -15.50
N CYS B 200 -23.61 24.66 -16.50
CA CYS B 200 -23.36 26.01 -17.00
C CYS B 200 -24.61 26.87 -16.83
N LYS B 201 -24.43 28.12 -16.41
CA LYS B 201 -25.59 29.03 -16.28
C LYS B 201 -25.81 29.70 -17.64
N VAL B 202 -26.97 29.41 -18.26
CA VAL B 202 -27.37 29.93 -19.57
C VAL B 202 -28.75 30.59 -19.40
N ASN B 203 -28.85 31.92 -19.72
CA ASN B 203 -30.08 32.73 -19.59
C ASN B 203 -30.76 32.56 -18.22
N GLY B 204 -29.98 32.67 -17.14
CA GLY B 204 -30.47 32.48 -15.78
C GLY B 204 -30.88 31.07 -15.37
N THR B 205 -30.60 30.06 -16.23
CA THR B 205 -30.92 28.66 -15.96
C THR B 205 -29.67 27.79 -15.95
N TRP B 206 -29.53 26.94 -14.92
CA TRP B 206 -28.42 26.00 -14.83
C TRP B 206 -28.75 24.80 -15.71
N LEU B 207 -27.89 24.54 -16.71
CA LEU B 207 -28.04 23.42 -17.64
C LEU B 207 -26.88 22.44 -17.47
N GLN B 208 -27.17 21.14 -17.47
CA GLN B 208 -26.09 20.16 -17.37
C GLN B 208 -25.45 19.95 -18.74
N ALA B 209 -24.30 20.59 -18.95
CA ALA B 209 -23.50 20.50 -20.17
C ALA B 209 -22.75 19.16 -20.29
N GLY B 210 -22.29 18.61 -19.17
CA GLY B 210 -21.51 17.39 -19.21
C GLY B 210 -21.64 16.44 -18.04
N VAL B 211 -21.07 15.24 -18.23
CA VAL B 211 -20.93 14.18 -17.23
C VAL B 211 -19.44 13.95 -17.08
N VAL B 212 -18.88 14.05 -15.85
CA VAL B 212 -17.43 13.80 -15.59
C VAL B 212 -17.10 12.39 -16.12
N SER B 213 -16.21 12.32 -17.11
CA SER B 213 -15.85 11.09 -17.76
C SER B 213 -14.42 10.63 -17.55
N TRP B 214 -13.42 11.37 -18.10
CA TRP B 214 -12.04 10.96 -18.00
C TRP B 214 -11.10 12.13 -18.26
N GLY B 215 -9.84 11.80 -18.40
CA GLY B 215 -8.75 12.69 -18.72
C GLY B 215 -7.47 12.02 -18.32
N GLU B 216 -6.32 12.66 -18.62
CA GLU B 216 -5.04 12.11 -18.20
C GLU B 216 -4.68 12.83 -16.92
N GLY B 217 -4.91 12.14 -15.80
CA GLY B 217 -4.68 12.70 -14.48
C GLY B 217 -5.68 13.81 -14.20
N CYS B 218 -5.31 14.69 -13.28
CA CYS B 218 -6.17 15.78 -12.82
C CYS B 218 -5.34 17.06 -12.81
N ALA B 219 -5.84 18.11 -13.49
CA ALA B 219 -5.20 19.41 -13.62
C ALA B 219 -3.71 19.33 -14.10
N GLN B 220 -3.45 18.45 -15.09
CA GLN B 220 -2.13 18.24 -15.69
C GLN B 220 -1.99 19.15 -16.90
N PRO B 221 -0.75 19.65 -17.19
CA PRO B 221 -0.59 20.53 -18.38
C PRO B 221 -1.02 19.85 -19.67
N ASN B 222 -1.81 20.57 -20.48
CA ASN B 222 -2.28 20.12 -21.80
C ASN B 222 -3.23 18.92 -21.74
N ARG B 223 -3.80 18.64 -20.56
CA ARG B 223 -4.75 17.53 -20.36
C ARG B 223 -6.05 18.00 -19.66
N PRO B 224 -6.90 18.85 -20.28
CA PRO B 224 -8.14 19.26 -19.61
C PRO B 224 -9.07 18.07 -19.33
N GLY B 225 -9.99 18.28 -18.40
CA GLY B 225 -11.00 17.30 -18.00
C GLY B 225 -11.92 17.01 -19.16
N ILE B 226 -12.20 15.73 -19.41
CA ILE B 226 -13.10 15.31 -20.49
C ILE B 226 -14.44 14.87 -19.93
N TYR B 227 -15.52 15.42 -20.49
CA TYR B 227 -16.89 15.19 -20.10
C TYR B 227 -17.67 14.56 -21.22
N THR B 228 -18.67 13.73 -20.87
CA THR B 228 -19.62 13.24 -21.86
C THR B 228 -20.52 14.46 -22.15
N ARG B 229 -20.65 14.82 -23.44
CA ARG B 229 -21.47 15.94 -23.92
C ARG B 229 -22.94 15.51 -23.89
N VAL B 230 -23.68 16.01 -22.88
CA VAL B 230 -25.08 15.69 -22.62
C VAL B 230 -26.01 15.83 -23.88
N THR B 231 -25.88 16.92 -24.67
CA THR B 231 -26.69 17.18 -25.88
C THR B 231 -26.65 16.06 -26.91
N TYR B 232 -25.54 15.36 -26.99
CA TYR B 232 -25.34 14.25 -27.91
C TYR B 232 -26.22 13.04 -27.57
N TYR B 233 -26.62 12.89 -26.29
CA TYR B 233 -27.39 11.74 -25.80
C TYR B 233 -28.81 12.02 -25.40
N LEU B 234 -29.32 13.21 -25.74
CA LEU B 234 -30.69 13.64 -25.42
C LEU B 234 -31.78 12.66 -25.91
N ASP B 235 -31.66 12.14 -27.16
CA ASP B 235 -32.61 11.17 -27.72
C ASP B 235 -32.59 9.86 -26.93
N TRP B 236 -31.38 9.36 -26.59
CA TRP B 236 -31.22 8.15 -25.80
C TRP B 236 -31.82 8.34 -24.38
N ILE B 237 -31.53 9.48 -23.72
CA ILE B 237 -32.05 9.83 -22.38
C ILE B 237 -33.59 9.88 -22.45
N HIS B 238 -34.16 10.55 -23.49
CA HIS B 238 -35.60 10.67 -23.66
C HIS B 238 -36.33 9.34 -23.98
N HIS B 239 -35.60 8.29 -24.37
CA HIS B 239 -36.16 6.95 -24.59
C HIS B 239 -36.57 6.29 -23.26
N TYR B 240 -36.00 6.78 -22.13
CA TYR B 240 -36.25 6.26 -20.77
C TYR B 240 -36.81 7.28 -19.79
N VAL B 241 -36.36 8.54 -19.88
CA VAL B 241 -36.73 9.58 -18.93
C VAL B 241 -37.89 10.44 -19.49
N PRO B 242 -39.01 10.60 -18.75
CA PRO B 242 -40.13 11.45 -19.25
C PRO B 242 -39.74 12.94 -19.39
N LYS B 243 -39.83 13.45 -20.53
N ILE C 1 -11.97 -0.06 18.59
CA ILE C 1 -12.80 -0.90 19.47
C ILE C 1 -13.27 -2.15 18.72
N VAL C 2 -12.94 -3.34 19.24
CA VAL C 2 -13.34 -4.65 18.72
C VAL C 2 -14.60 -5.09 19.50
N GLY C 3 -15.67 -5.43 18.79
CA GLY C 3 -16.94 -5.78 19.42
C GLY C 3 -17.68 -4.56 19.93
N GLY C 4 -18.65 -4.79 20.79
CA GLY C 4 -19.42 -3.68 21.35
C GLY C 4 -20.29 -2.95 20.34
N GLN C 5 -20.37 -1.61 20.46
CA GLN C 5 -21.26 -0.78 19.64
C GLN C 5 -20.94 0.71 19.70
N GLU C 6 -21.69 1.48 18.88
CA GLU C 6 -21.67 2.93 18.86
C GLU C 6 -22.19 3.40 20.22
N ALA C 7 -21.47 4.33 20.85
CA ALA C 7 -21.84 4.84 22.16
C ALA C 7 -23.05 5.78 22.09
N PRO C 8 -23.99 5.73 23.09
CA PRO C 8 -25.06 6.75 23.12
C PRO C 8 -24.43 8.13 23.36
N ARG C 9 -25.09 9.20 22.84
CA ARG C 9 -24.60 10.58 22.94
C ARG C 9 -24.33 11.08 24.36
N SER C 10 -25.11 10.60 25.34
CA SER C 10 -24.98 10.98 26.75
C SER C 10 -23.81 10.27 27.47
N LYS C 11 -23.26 9.19 26.89
CA LYS C 11 -22.18 8.43 27.52
C LYS C 11 -20.77 8.94 27.19
N TRP C 12 -19.83 8.72 28.15
CA TRP C 12 -18.40 9.04 28.06
C TRP C 12 -18.08 10.53 27.76
N PRO C 13 -18.54 11.48 28.63
CA PRO C 13 -18.28 12.91 28.39
C PRO C 13 -16.82 13.36 28.42
N TRP C 14 -15.94 12.54 29.01
CA TRP C 14 -14.50 12.77 29.17
C TRP C 14 -13.65 12.34 27.98
N GLN C 15 -14.22 11.58 27.03
CA GLN C 15 -13.49 11.09 25.84
C GLN C 15 -12.98 12.19 24.95
N VAL C 16 -11.66 12.16 24.64
CA VAL C 16 -11.04 13.14 23.72
C VAL C 16 -10.35 12.43 22.55
N SER C 17 -10.12 13.20 21.47
CA SER C 17 -9.41 12.75 20.27
C SER C 17 -8.15 13.60 20.12
N LEU C 18 -7.01 12.95 19.91
CA LEU C 18 -5.74 13.62 19.67
C LEU C 18 -5.54 13.72 18.16
N ARG C 19 -5.22 14.93 17.68
CA ARG C 19 -5.08 15.28 16.25
C ARG C 19 -3.72 15.74 15.86
N VAL C 20 -3.24 15.24 14.71
CA VAL C 20 -1.95 15.59 14.15
C VAL C 20 -2.14 16.40 12.86
N HIS C 21 -1.36 17.47 12.70
CA HIS C 21 -1.42 18.33 11.52
C HIS C 21 -0.92 17.59 10.27
N GLY C 22 -1.64 17.75 9.18
CA GLY C 22 -1.31 17.17 7.89
C GLY C 22 -2.31 17.65 6.87
N PRO C 23 -2.66 16.83 5.84
CA PRO C 23 -3.71 17.24 4.88
C PRO C 23 -5.00 17.65 5.59
N TYR C 24 -5.27 17.00 6.75
CA TYR C 24 -6.35 17.33 7.67
C TYR C 24 -5.87 17.00 9.12
N TRP C 25 -6.58 17.50 10.14
CA TRP C 25 -6.23 17.22 11.54
C TRP C 25 -6.68 15.78 11.87
N MET C 26 -5.82 14.82 11.56
CA MET C 26 -6.10 13.39 11.66
C MET C 26 -6.01 12.82 13.09
N HIS C 27 -6.99 11.99 13.46
CA HIS C 27 -7.00 11.28 14.75
C HIS C 27 -5.86 10.26 14.74
N PHE C 28 -5.09 10.22 15.83
CA PHE C 28 -3.99 9.28 15.99
C PHE C 28 -4.05 8.52 17.34
N CYS C 29 -4.76 9.07 18.32
CA CYS C 29 -4.88 8.49 19.66
C CYS C 29 -6.08 9.09 20.37
N GLY C 30 -6.53 8.40 21.41
CA GLY C 30 -7.58 8.91 22.27
C GLY C 30 -6.94 9.53 23.51
N GLY C 31 -7.80 10.01 24.40
CA GLY C 31 -7.41 10.59 25.68
C GLY C 31 -8.63 10.78 26.55
N SER C 32 -8.43 11.30 27.76
CA SER C 32 -9.54 11.58 28.67
C SER C 32 -9.33 12.93 29.38
N LEU C 33 -10.42 13.69 29.54
CA LEU C 33 -10.43 14.96 30.25
C LEU C 33 -10.49 14.61 31.75
N ILE C 34 -9.43 14.90 32.48
CA ILE C 34 -9.32 14.57 33.92
C ILE C 34 -9.42 15.81 34.80
N HIS C 35 -9.30 16.98 34.18
CA HIS C 35 -9.40 18.31 34.80
C HIS C 35 -9.81 19.27 33.65
N PRO C 36 -10.53 20.39 33.92
CA PRO C 36 -10.89 21.32 32.83
C PRO C 36 -9.75 21.75 31.91
N GLN C 37 -8.49 21.70 32.38
CA GLN C 37 -7.34 22.11 31.56
C GLN C 37 -6.33 20.96 31.28
N TRP C 38 -6.66 19.72 31.68
CA TRP C 38 -5.76 18.57 31.51
C TRP C 38 -6.34 17.34 30.86
N VAL C 39 -5.57 16.80 29.90
CA VAL C 39 -5.90 15.56 29.20
C VAL C 39 -4.90 14.47 29.59
N LEU C 40 -5.43 13.32 29.96
CA LEU C 40 -4.65 12.13 30.27
C LEU C 40 -4.61 11.28 29.00
N THR C 41 -3.42 10.77 28.64
CA THR C 41 -3.20 9.94 27.45
C THR C 41 -2.04 8.96 27.71
N ALA C 42 -1.64 8.21 26.67
CA ALA C 42 -0.53 7.29 26.71
C ALA C 42 0.69 8.03 26.21
N ALA C 43 1.84 7.78 26.87
CA ALA C 43 3.14 8.37 26.46
C ALA C 43 3.48 8.01 25.01
N HIS C 44 3.16 6.78 24.55
CA HIS C 44 3.53 6.29 23.20
C HIS C 44 2.80 7.03 22.10
N CYS C 45 1.71 7.71 22.45
CA CYS C 45 0.98 8.54 21.51
C CYS C 45 1.78 9.80 21.18
N VAL C 46 2.55 10.32 22.16
CA VAL C 46 3.27 11.60 22.02
C VAL C 46 4.79 11.49 22.17
N GLY C 47 5.29 10.28 22.34
CA GLY C 47 6.70 10.03 22.56
C GLY C 47 7.19 8.65 22.13
N PRO C 48 8.47 8.29 22.43
CA PRO C 48 9.45 9.01 23.27
C PRO C 48 10.04 10.26 22.64
N ASP C 49 9.95 10.42 21.31
CA ASP C 49 10.52 11.61 20.67
C ASP C 49 9.70 12.84 20.87
N VAL C 50 10.39 13.97 21.06
CA VAL C 50 9.77 15.30 21.24
C VAL C 50 9.23 15.78 19.88
N LYS C 51 7.96 16.15 19.82
CA LYS C 51 7.38 16.70 18.60
C LYS C 51 6.89 18.14 18.87
N ASP C 52 6.64 18.88 17.77
CA ASP C 52 6.20 20.26 17.83
C ASP C 52 4.77 20.37 18.39
N LEU C 53 4.59 21.22 19.42
CA LEU C 53 3.29 21.54 20.04
C LEU C 53 2.28 22.08 19.04
N ALA C 54 2.73 22.88 18.05
CA ALA C 54 1.90 23.47 16.98
C ALA C 54 1.24 22.39 16.09
N ALA C 55 1.90 21.22 15.97
CA ALA C 55 1.44 20.09 15.15
C ALA C 55 0.39 19.20 15.90
N LEU C 56 -0.04 19.61 17.10
CA LEU C 56 -1.01 18.85 17.91
C LEU C 56 -2.26 19.69 18.27
N ARG C 57 -3.44 19.05 18.25
CA ARG C 57 -4.72 19.63 18.70
C ARG C 57 -5.52 18.58 19.48
N VAL C 58 -6.34 19.05 20.41
CA VAL C 58 -7.23 18.21 21.19
C VAL C 58 -8.66 18.51 20.73
N GLN C 59 -9.46 17.46 20.62
CA GLN C 59 -10.83 17.57 20.23
C GLN C 59 -11.62 16.88 21.32
N LEU C 60 -12.56 17.62 21.92
CA LEU C 60 -13.45 17.10 22.97
C LEU C 60 -14.49 16.14 22.45
N ARG C 61 -15.27 15.50 23.35
CA ARG C 61 -16.28 14.49 22.96
C ARG C 61 -17.00 14.86 21.69
N GLU C 62 -16.98 13.91 20.74
CA GLU C 62 -17.56 14.03 19.42
C GLU C 62 -18.30 12.74 19.13
N GLN C 63 -19.57 12.82 18.74
CA GLN C 63 -20.31 11.59 18.39
C GLN C 63 -19.71 10.92 17.15
N HIS C 64 -19.39 11.72 16.11
CA HIS C 64 -18.79 11.27 14.85
C HIS C 64 -17.51 12.09 14.60
N LEU C 65 -16.35 11.40 14.54
CA LEU C 65 -15.06 12.07 14.30
C LEU C 65 -15.12 12.96 13.07
N TYR C 66 -14.50 14.15 13.15
CA TYR C 66 -14.32 15.13 12.07
C TYR C 66 -15.52 15.97 11.69
N TYR C 67 -16.74 15.51 12.04
CA TYR C 67 -17.99 16.17 11.71
C TYR C 67 -18.14 17.56 12.30
N GLN C 68 -17.99 17.69 13.62
CA GLN C 68 -18.20 18.99 14.24
C GLN C 68 -17.00 19.42 15.07
N ASP C 69 -15.82 19.42 14.44
CA ASP C 69 -14.55 19.77 15.07
C ASP C 69 -14.49 21.18 15.61
N GLN C 70 -13.97 21.31 16.83
CA GLN C 70 -13.69 22.54 17.57
C GLN C 70 -12.34 22.23 18.23
N LEU C 71 -11.25 22.35 17.47
CA LEU C 71 -9.91 21.96 17.89
C LEU C 71 -9.20 22.88 18.86
N LEU C 72 -8.60 22.29 19.89
CA LEU C 72 -7.96 23.01 20.99
C LEU C 72 -6.44 22.90 21.03
N PRO C 73 -5.73 24.06 21.13
CA PRO C 73 -4.27 24.00 21.23
C PRO C 73 -3.80 23.55 22.61
N VAL C 74 -2.57 23.04 22.67
CA VAL C 74 -1.91 22.50 23.86
C VAL C 74 -0.73 23.40 24.19
N SER C 75 -0.57 23.76 25.48
CA SER C 75 0.56 24.61 25.92
C SER C 75 1.73 23.76 26.45
N ARG C 76 1.43 22.52 26.92
CA ARG C 76 2.43 21.61 27.46
C ARG C 76 2.13 20.15 27.21
N ILE C 77 3.18 19.38 26.87
CA ILE C 77 3.14 17.92 26.73
C ILE C 77 4.08 17.39 27.81
N ILE C 78 3.51 16.70 28.81
CA ILE C 78 4.30 16.13 29.90
C ILE C 78 4.25 14.59 29.79
N VAL C 79 5.38 14.02 29.42
CA VAL C 79 5.55 12.59 29.24
C VAL C 79 6.29 12.04 30.45
N HIS C 80 5.81 10.91 31.00
CA HIS C 80 6.44 10.27 32.15
C HIS C 80 7.92 10.03 31.84
N PRO C 81 8.85 10.52 32.72
CA PRO C 81 10.28 10.39 32.41
C PRO C 81 10.82 8.96 32.29
N GLN C 82 10.10 7.97 32.86
CA GLN C 82 10.51 6.57 32.77
C GLN C 82 10.15 5.95 31.41
N PHE C 83 9.26 6.62 30.65
CA PHE C 83 8.85 6.07 29.36
C PHE C 83 9.82 6.09 28.20
N TYR C 84 9.95 4.92 27.55
CA TYR C 84 10.54 4.76 26.21
C TYR C 84 9.79 3.78 25.35
N THR C 85 9.24 2.68 25.94
CA THR C 85 8.35 1.72 25.24
C THR C 85 7.14 1.29 26.08
N ALA C 86 6.03 0.97 25.41
CA ALA C 86 4.84 0.52 26.12
C ALA C 86 5.07 -0.84 26.84
N GLN C 87 5.97 -1.68 26.29
CA GLN C 87 6.28 -2.99 26.89
C GLN C 87 7.11 -2.85 28.16
N ILE C 88 7.94 -1.78 28.27
CA ILE C 88 8.69 -1.52 29.50
C ILE C 88 7.71 -0.96 30.55
N GLY C 89 6.87 -0.02 30.12
CA GLY C 89 5.90 0.61 30.99
C GLY C 89 6.03 2.12 31.06
N ALA C 90 5.41 2.72 32.09
CA ALA C 90 5.30 4.17 32.31
C ALA C 90 4.63 4.85 31.08
N ASP C 91 3.72 4.10 30.42
CA ASP C 91 3.00 4.56 29.23
C ASP C 91 1.87 5.48 29.60
N ILE C 92 2.25 6.70 29.98
CA ILE C 92 1.34 7.72 30.46
C ILE C 92 1.90 9.12 30.16
N ALA C 93 0.99 10.04 29.83
CA ALA C 93 1.38 11.41 29.53
C ALA C 93 0.22 12.34 29.86
N LEU C 94 0.55 13.64 30.00
CA LEU C 94 -0.43 14.69 30.29
C LEU C 94 -0.33 15.78 29.25
N LEU C 95 -1.48 16.30 28.83
CA LEU C 95 -1.55 17.43 27.90
C LEU C 95 -2.24 18.57 28.61
N GLU C 96 -1.56 19.72 28.66
CA GLU C 96 -2.15 20.90 29.26
C GLU C 96 -2.74 21.72 28.13
N LEU C 97 -4.08 21.96 28.17
CA LEU C 97 -4.73 22.79 27.17
C LEU C 97 -4.34 24.25 27.42
N GLU C 98 -4.22 25.06 26.34
CA GLU C 98 -3.88 26.49 26.46
C GLU C 98 -4.89 27.20 27.33
N GLU C 99 -6.17 26.76 27.27
CA GLU C 99 -7.28 27.32 28.04
C GLU C 99 -8.09 26.24 28.74
N PRO C 100 -8.72 26.51 29.92
CA PRO C 100 -9.60 25.49 30.50
C PRO C 100 -10.90 25.36 29.69
N VAL C 101 -11.55 24.21 29.77
CA VAL C 101 -12.80 23.98 29.04
C VAL C 101 -14.01 24.38 29.90
N LYS C 102 -15.10 24.83 29.25
CA LYS C 102 -16.34 25.13 29.97
C LYS C 102 -17.09 23.80 30.15
N VAL C 103 -16.93 23.18 31.34
CA VAL C 103 -17.53 21.90 31.72
C VAL C 103 -19.07 21.93 31.73
N SER C 104 -19.71 20.91 31.12
CA SER C 104 -21.16 20.77 31.03
C SER C 104 -21.59 19.32 31.31
N SER C 105 -22.87 18.99 30.99
CA SER C 105 -23.42 17.64 31.17
C SER C 105 -22.89 16.70 30.06
N HIS C 106 -22.74 17.23 28.84
CA HIS C 106 -22.27 16.48 27.68
C HIS C 106 -20.74 16.33 27.61
N VAL C 107 -19.99 17.32 28.16
CA VAL C 107 -18.52 17.32 28.22
C VAL C 107 -18.03 17.68 29.63
N HIS C 108 -17.51 16.67 30.34
CA HIS C 108 -16.95 16.84 31.69
C HIS C 108 -15.86 15.81 32.04
N THR C 109 -15.17 16.00 33.16
CA THR C 109 -14.07 15.15 33.59
C THR C 109 -14.47 13.75 34.08
N VAL C 110 -13.50 12.82 34.01
CA VAL C 110 -13.62 11.46 34.56
C VAL C 110 -12.95 11.52 35.94
N THR C 111 -13.39 10.67 36.87
CA THR C 111 -12.80 10.62 38.22
C THR C 111 -11.64 9.63 38.20
N LEU C 112 -10.49 10.03 38.74
CA LEU C 112 -9.36 9.15 38.86
C LEU C 112 -9.64 8.23 40.09
N PRO C 113 -9.14 6.98 40.10
CA PRO C 113 -9.46 6.10 41.25
C PRO C 113 -8.65 6.45 42.50
N PRO C 114 -9.05 5.99 43.71
CA PRO C 114 -8.22 6.26 44.91
C PRO C 114 -6.96 5.41 44.81
N ALA C 115 -5.92 5.71 45.58
CA ALA C 115 -4.64 4.97 45.57
C ALA C 115 -4.74 3.47 45.85
N SER C 116 -5.70 3.06 46.67
CA SER C 116 -5.94 1.67 47.07
C SER C 116 -6.51 0.77 45.94
N GLU C 117 -7.30 1.41 45.06
CA GLU C 117 -8.08 0.77 44.03
C GLU C 117 -7.49 -0.43 43.31
N THR C 118 -8.23 -1.53 43.44
CA THR C 118 -7.97 -2.79 42.80
C THR C 118 -9.17 -2.97 41.92
N PHE C 119 -8.97 -3.61 40.78
CA PHE C 119 -10.07 -3.87 39.89
C PHE C 119 -10.12 -5.38 39.79
N PRO C 120 -11.05 -5.99 40.56
CA PRO C 120 -11.13 -7.46 40.66
C PRO C 120 -11.46 -8.19 39.34
N PRO C 121 -10.98 -9.47 39.19
CA PRO C 121 -11.25 -10.25 37.96
C PRO C 121 -12.71 -10.41 37.53
N GLY C 122 -13.15 -9.56 36.59
CA GLY C 122 -14.51 -9.57 36.04
C GLY C 122 -15.43 -8.47 36.52
N MET C 123 -14.89 -7.26 36.81
CA MET C 123 -15.61 -6.05 37.27
C MET C 123 -16.37 -5.38 36.07
N PRO C 124 -17.37 -4.43 36.23
CA PRO C 124 -17.97 -3.89 35.00
C PRO C 124 -17.15 -2.73 34.48
N CYS C 125 -16.34 -3.01 33.44
CA CYS C 125 -15.46 -2.00 32.83
C CYS C 125 -15.71 -1.84 31.33
N TRP C 126 -15.56 -0.61 30.86
CA TRP C 126 -15.80 -0.23 29.47
C TRP C 126 -14.59 0.52 28.90
N VAL C 127 -14.22 0.20 27.67
CA VAL C 127 -13.16 0.88 26.94
C VAL C 127 -13.83 1.56 25.74
N THR C 128 -13.42 2.80 25.44
CA THR C 128 -14.03 3.63 24.40
C THR C 128 -12.97 4.25 23.47
N GLY C 129 -13.40 4.56 22.24
CA GLY C 129 -12.53 5.16 21.25
C GLY C 129 -12.95 5.01 19.80
N TRP C 130 -12.20 5.67 18.92
CA TRP C 130 -12.42 5.67 17.47
C TRP C 130 -11.39 4.81 16.74
N GLY C 131 -10.79 3.86 17.46
CA GLY C 131 -9.77 2.98 16.89
C GLY C 131 -10.32 1.89 15.99
N ASP C 132 -9.40 1.09 15.42
CA ASP C 132 -9.73 -0.01 14.53
C ASP C 132 -10.79 -0.98 15.11
N VAL C 133 -11.65 -1.50 14.21
CA VAL C 133 -12.73 -2.45 14.60
C VAL C 133 -12.29 -3.93 14.67
N ASP C 134 -11.04 -4.17 14.22
CA ASP C 134 -10.35 -5.44 14.23
C ASP C 134 -8.93 -5.22 13.74
N ASN C 135 -8.09 -6.28 13.77
CA ASN C 135 -6.72 -6.21 13.27
C ASN C 135 -6.73 -5.76 11.79
N ASP C 136 -6.08 -4.60 11.49
CA ASP C 136 -5.96 -4.01 10.14
C ASP C 136 -7.32 -3.72 9.49
N GLU C 137 -8.32 -3.35 10.30
CA GLU C 137 -9.69 -3.07 9.88
C GLU C 137 -10.07 -1.71 10.48
N ARG C 138 -10.01 -0.64 9.67
CA ARG C 138 -10.30 0.72 10.13
C ARG C 138 -11.74 0.91 10.57
N LEU C 139 -11.97 1.87 11.50
CA LEU C 139 -13.33 2.26 11.88
C LEU C 139 -13.90 2.95 10.61
N PRO C 140 -15.00 2.45 10.03
CA PRO C 140 -15.52 3.06 8.79
C PRO C 140 -16.13 4.45 9.00
N PRO C 141 -16.18 5.32 7.95
CA PRO C 141 -16.90 6.61 8.10
C PRO C 141 -18.41 6.31 8.41
N PRO C 142 -19.19 7.15 9.13
CA PRO C 142 -18.89 8.49 9.66
C PRO C 142 -18.12 8.51 11.01
N PHE C 143 -17.38 7.42 11.30
CA PHE C 143 -16.51 7.31 12.47
C PHE C 143 -17.21 7.53 13.81
N PRO C 144 -18.19 6.69 14.19
CA PRO C 144 -18.84 6.88 15.49
C PRO C 144 -17.92 6.50 16.66
N LEU C 145 -18.11 7.16 17.80
CA LEU C 145 -17.40 6.77 19.02
C LEU C 145 -17.98 5.43 19.42
N LYS C 146 -17.09 4.44 19.61
CA LYS C 146 -17.49 3.10 19.98
C LYS C 146 -17.17 2.83 21.46
N GLN C 147 -17.87 1.85 22.05
CA GLN C 147 -17.69 1.37 23.42
C GLN C 147 -17.76 -0.15 23.39
N VAL C 148 -17.10 -0.78 24.37
CA VAL C 148 -17.16 -2.23 24.54
C VAL C 148 -16.94 -2.54 26.00
N LYS C 149 -17.77 -3.42 26.57
CA LYS C 149 -17.63 -3.88 27.96
C LYS C 149 -16.54 -4.95 27.90
N VAL C 150 -15.54 -4.82 28.74
CA VAL C 150 -14.41 -5.76 28.74
C VAL C 150 -14.18 -6.41 30.10
N PRO C 151 -13.96 -7.74 30.19
CA PRO C 151 -13.69 -8.33 31.50
C PRO C 151 -12.25 -8.07 31.99
N ILE C 152 -12.09 -7.71 33.28
CA ILE C 152 -10.78 -7.54 33.90
C ILE C 152 -10.15 -8.92 34.03
N MET C 153 -8.85 -9.03 33.74
CA MET C 153 -8.11 -10.26 33.96
C MET C 153 -7.04 -9.90 34.93
N GLU C 154 -6.96 -10.68 36.05
CA GLU C 154 -5.99 -10.46 37.11
C GLU C 154 -4.58 -10.58 36.53
N ASN C 155 -3.62 -9.73 37.02
CA ASN C 155 -2.26 -9.61 36.49
C ASN C 155 -1.45 -10.85 36.30
N HIS C 156 -1.49 -11.77 37.28
CA HIS C 156 -0.80 -13.07 37.27
C HIS C 156 -1.39 -13.98 36.22
N ILE C 157 -2.72 -14.02 36.16
CA ILE C 157 -3.50 -14.81 35.19
C ILE C 157 -3.16 -14.29 33.80
N CYS C 158 -3.14 -12.94 33.67
CA CYS C 158 -2.84 -12.31 32.40
C CYS C 158 -1.41 -12.52 31.94
N ASP C 159 -0.46 -12.37 32.85
CA ASP C 159 0.95 -12.65 32.60
C ASP C 159 1.19 -14.11 32.13
N ALA C 160 0.51 -15.08 32.77
CA ALA C 160 0.60 -16.50 32.35
C ALA C 160 0.04 -16.67 30.93
N LYS C 161 -1.04 -15.95 30.60
CA LYS C 161 -1.60 -16.05 29.26
C LYS C 161 -0.63 -15.57 28.17
N TYR C 162 0.14 -14.49 28.44
CA TYR C 162 1.17 -13.92 27.56
C TYR C 162 2.35 -14.85 27.36
N HIS C 163 2.57 -15.80 28.29
CA HIS C 163 3.64 -16.80 28.18
C HIS C 163 3.21 -18.03 27.33
N LEU C 164 1.88 -18.22 27.11
CA LEU C 164 1.37 -19.34 26.31
C LEU C 164 1.72 -19.10 24.83
N GLY C 165 2.36 -20.08 24.21
CA GLY C 165 2.83 -20.00 22.83
C GLY C 165 3.97 -19.02 22.64
N ALA C 166 4.74 -18.74 23.71
CA ALA C 166 5.90 -17.83 23.69
C ALA C 166 7.15 -18.51 24.27
N TYR C 167 8.34 -18.04 23.89
CA TYR C 167 9.62 -18.57 24.38
C TYR C 167 10.05 -17.98 25.74
N THR C 168 9.44 -16.87 26.12
CA THR C 168 9.72 -16.12 27.34
C THR C 168 9.56 -17.01 28.57
N GLY C 169 10.59 -17.04 29.40
CA GLY C 169 10.58 -17.84 30.63
C GLY C 169 9.45 -17.41 31.55
N ASP C 170 8.83 -18.37 32.25
CA ASP C 170 7.70 -18.14 33.16
C ASP C 170 8.02 -17.17 34.30
N ASP C 171 9.29 -17.11 34.68
CA ASP C 171 9.84 -16.25 35.72
C ASP C 171 10.06 -14.80 35.22
N VAL C 172 9.92 -14.59 33.87
CA VAL C 172 10.10 -13.27 33.25
C VAL C 172 8.75 -12.59 33.17
N ARG C 173 8.61 -11.46 33.88
CA ARG C 173 7.35 -10.72 33.91
C ARG C 173 7.10 -9.87 32.65
N ILE C 174 6.02 -10.20 31.95
CA ILE C 174 5.59 -9.48 30.75
C ILE C 174 4.56 -8.42 31.18
N VAL C 175 3.48 -8.84 31.92
CA VAL C 175 2.48 -7.92 32.46
C VAL C 175 3.03 -7.38 33.78
N ARG C 176 3.51 -6.12 33.78
CA ARG C 176 4.13 -5.52 34.95
C ARG C 176 3.07 -5.02 35.93
N ASP C 177 3.52 -4.71 37.16
CA ASP C 177 2.67 -4.21 38.25
C ASP C 177 2.00 -2.87 37.93
N ASP C 178 2.66 -2.06 37.08
CA ASP C 178 2.15 -0.76 36.63
C ASP C 178 1.20 -0.93 35.40
N MET C 179 0.82 -2.19 35.11
CA MET C 179 -0.06 -2.54 34.00
C MET C 179 -1.30 -3.24 34.52
N LEU C 180 -2.32 -3.32 33.70
CA LEU C 180 -3.62 -3.90 34.02
C LEU C 180 -4.12 -4.59 32.74
N CYS C 181 -4.79 -5.79 32.83
CA CYS C 181 -5.37 -6.45 31.66
C CYS C 181 -6.88 -6.40 31.63
N ALA C 182 -7.43 -6.39 30.42
CA ALA C 182 -8.87 -6.42 30.19
C ALA C 182 -9.12 -6.82 28.75
N GLY C 183 -10.23 -7.53 28.53
CA GLY C 183 -10.66 -7.97 27.21
C GLY C 183 -10.47 -9.45 26.97
N ASN C 184 -11.00 -9.92 25.83
CA ASN C 184 -10.92 -11.31 25.38
C ASN C 184 -10.91 -11.35 23.83
N THR C 185 -11.23 -12.50 23.23
CA THR C 185 -11.24 -12.68 21.78
C THR C 185 -12.41 -12.03 21.03
N ARG C 186 -13.36 -11.41 21.75
CA ARG C 186 -14.49 -10.76 21.10
C ARG C 186 -14.61 -9.30 21.48
N ARG C 187 -13.97 -8.90 22.59
CA ARG C 187 -14.08 -7.56 23.15
C ARG C 187 -12.70 -7.02 23.47
N ASP C 188 -12.30 -5.91 22.83
CA ASP C 188 -10.99 -5.32 23.04
C ASP C 188 -10.88 -3.89 22.48
N SER C 189 -9.79 -3.24 22.86
CA SER C 189 -9.36 -1.96 22.34
C SER C 189 -8.45 -2.35 21.15
N CYS C 190 -8.18 -1.40 20.23
CA CYS C 190 -7.32 -1.70 19.09
C CYS C 190 -6.55 -0.42 18.68
N GLN C 191 -5.67 -0.51 17.64
CA GLN C 191 -4.89 0.63 17.13
C GLN C 191 -5.82 1.84 16.93
N GLY C 192 -5.44 2.99 17.46
CA GLY C 192 -6.26 4.20 17.37
C GLY C 192 -7.04 4.48 18.64
N ASP C 193 -7.19 3.46 19.54
CA ASP C 193 -7.84 3.60 20.84
C ASP C 193 -6.82 3.98 21.89
N SER C 194 -5.51 3.76 21.59
CA SER C 194 -4.37 4.08 22.46
C SER C 194 -4.48 5.44 23.11
N GLY C 195 -4.21 5.48 24.41
CA GLY C 195 -4.29 6.74 25.15
C GLY C 195 -5.65 7.03 25.74
N GLY C 196 -6.66 6.33 25.22
CA GLY C 196 -8.03 6.44 25.65
C GLY C 196 -8.30 5.75 26.98
N PRO C 197 -9.52 5.91 27.52
CA PRO C 197 -9.80 5.37 28.84
C PRO C 197 -10.44 3.99 28.93
N LEU C 198 -10.10 3.31 30.04
CA LEU C 198 -10.73 2.09 30.52
C LEU C 198 -11.38 2.56 31.82
N VAL C 199 -12.72 2.60 31.83
CA VAL C 199 -13.49 3.06 33.00
C VAL C 199 -14.27 1.92 33.63
N CYS C 200 -14.25 1.86 34.98
CA CYS C 200 -14.98 0.85 35.74
C CYS C 200 -15.98 1.54 36.67
N LYS C 201 -17.21 0.99 36.77
CA LYS C 201 -18.19 1.55 37.69
C LYS C 201 -17.96 0.90 39.06
N VAL C 202 -17.54 1.72 40.03
CA VAL C 202 -17.25 1.30 41.41
C VAL C 202 -18.13 2.14 42.36
N ASN C 203 -19.04 1.48 43.11
CA ASN C 203 -19.98 2.11 44.06
C ASN C 203 -20.75 3.29 43.44
N GLY C 204 -21.30 3.08 42.24
CA GLY C 204 -22.02 4.11 41.49
C GLY C 204 -21.18 5.22 40.90
N THR C 205 -19.84 5.11 40.96
CA THR C 205 -18.93 6.12 40.38
C THR C 205 -18.02 5.52 39.30
N TRP C 206 -17.94 6.20 38.14
CA TRP C 206 -17.07 5.79 37.04
C TRP C 206 -15.64 6.24 37.38
N LEU C 207 -14.73 5.27 37.50
CA LEU C 207 -13.32 5.53 37.79
C LEU C 207 -12.45 5.10 36.61
N GLN C 208 -11.46 5.92 36.25
CA GLN C 208 -10.54 5.50 35.18
C GLN C 208 -9.48 4.55 35.72
N ALA C 209 -9.67 3.23 35.49
CA ALA C 209 -8.74 2.16 35.89
C ALA C 209 -7.46 2.16 35.06
N GLY C 210 -7.63 2.41 33.75
CA GLY C 210 -6.50 2.32 32.84
C GLY C 210 -6.45 3.27 31.67
N VAL C 211 -5.28 3.29 31.02
CA VAL C 211 -5.04 4.04 29.79
C VAL C 211 -4.75 2.95 28.71
N VAL C 212 -5.46 2.95 27.56
CA VAL C 212 -5.15 1.97 26.48
C VAL C 212 -3.66 2.10 26.13
N SER C 213 -2.88 0.98 26.27
CA SER C 213 -1.43 0.98 26.09
C SER C 213 -0.94 0.08 24.98
N TRP C 214 -1.05 -1.25 25.14
CA TRP C 214 -0.56 -2.19 24.14
C TRP C 214 -1.20 -3.56 24.26
N GLY C 215 -0.65 -4.50 23.53
CA GLY C 215 -1.04 -5.90 23.52
C GLY C 215 -0.53 -6.53 22.25
N GLU C 216 -0.76 -7.85 22.10
CA GLU C 216 -0.35 -8.49 20.86
C GLU C 216 -1.60 -8.58 20.02
N GLY C 217 -1.70 -7.68 19.04
CA GLY C 217 -2.86 -7.57 18.19
C GLY C 217 -4.08 -7.11 18.96
N CYS C 218 -5.25 -7.39 18.39
CA CYS C 218 -6.54 -7.01 18.96
C CYS C 218 -7.42 -8.23 19.02
N ALA C 219 -7.95 -8.55 20.23
CA ALA C 219 -8.84 -9.68 20.48
C ALA C 219 -8.27 -11.03 19.96
N GLN C 220 -6.96 -11.25 20.20
CA GLN C 220 -6.24 -12.47 19.81
C GLN C 220 -6.26 -13.48 20.95
N PRO C 221 -6.31 -14.81 20.64
CA PRO C 221 -6.30 -15.82 21.72
C PRO C 221 -5.10 -15.67 22.66
N ASN C 222 -5.38 -15.71 23.99
CA ASN C 222 -4.35 -15.64 25.04
C ASN C 222 -3.59 -14.30 25.09
N ARG C 223 -4.15 -13.24 24.46
CA ARG C 223 -3.49 -11.92 24.45
C ARG C 223 -4.45 -10.80 24.85
N PRO C 224 -4.89 -10.71 26.14
CA PRO C 224 -5.77 -9.59 26.54
C PRO C 224 -5.12 -8.22 26.34
N GLY C 225 -5.96 -7.18 26.23
CA GLY C 225 -5.51 -5.81 26.08
C GLY C 225 -4.76 -5.37 27.33
N ILE C 226 -3.63 -4.67 27.16
CA ILE C 226 -2.82 -4.19 28.28
C ILE C 226 -3.00 -2.67 28.43
N TYR C 227 -3.25 -2.26 29.67
CA TYR C 227 -3.52 -0.90 30.04
C TYR C 227 -2.51 -0.42 31.02
N THR C 228 -2.21 0.90 30.98
CA THR C 228 -1.40 1.53 32.01
C THR C 228 -2.33 1.59 33.22
N ARG C 229 -1.87 1.08 34.37
CA ARG C 229 -2.62 1.08 35.64
C ARG C 229 -2.53 2.49 36.23
N VAL C 230 -3.65 3.24 36.17
CA VAL C 230 -3.73 4.64 36.63
C VAL C 230 -3.24 4.86 38.07
N THR C 231 -3.67 3.98 39.02
CA THR C 231 -3.31 4.09 40.45
C THR C 231 -1.82 4.15 40.70
N TYR C 232 -1.04 3.51 39.83
CA TYR C 232 0.41 3.53 39.92
C TYR C 232 1.01 4.92 39.64
N TYR C 233 0.29 5.77 38.89
CA TYR C 233 0.77 7.11 38.49
C TYR C 233 0.05 8.29 39.09
N LEU C 234 -0.82 8.05 40.08
CA LEU C 234 -1.58 9.09 40.78
C LEU C 234 -0.75 10.24 41.34
N ASP C 235 0.39 9.95 41.98
CA ASP C 235 1.29 10.97 42.55
C ASP C 235 1.90 11.82 41.45
N TRP C 236 2.34 11.17 40.35
CA TRP C 236 2.92 11.87 39.20
C TRP C 236 1.85 12.80 38.54
N ILE C 237 0.61 12.28 38.37
CA ILE C 237 -0.51 13.05 37.81
C ILE C 237 -0.81 14.27 38.71
N HIS C 238 -0.90 14.04 40.05
CA HIS C 238 -1.18 15.09 41.02
C HIS C 238 -0.10 16.17 41.16
N HIS C 239 1.15 15.89 40.74
CA HIS C 239 2.23 16.90 40.78
C HIS C 239 1.95 18.03 39.78
N TYR C 240 1.25 17.69 38.69
CA TYR C 240 0.90 18.59 37.61
C TYR C 240 -0.56 19.03 37.62
N VAL C 241 -1.49 18.12 37.96
CA VAL C 241 -2.93 18.41 37.97
C VAL C 241 -3.52 18.77 39.35
N PRO C 242 -4.25 19.91 39.47
CA PRO C 242 -4.87 20.25 40.78
C PRO C 242 -5.94 19.26 41.26
N LYS C 243 -5.92 18.92 42.47
N ILE D 1 2.89 -14.33 -16.49
CA ILE D 1 2.37 -15.56 -17.09
C ILE D 1 1.57 -16.37 -16.05
N VAL D 2 0.28 -16.63 -16.38
CA VAL D 2 -0.63 -17.44 -15.58
C VAL D 2 -0.55 -18.89 -16.10
N GLY D 3 -0.29 -19.84 -15.20
CA GLY D 3 -0.14 -21.25 -15.55
C GLY D 3 1.20 -21.52 -16.23
N GLY D 4 1.30 -22.67 -16.89
CA GLY D 4 2.52 -23.05 -17.60
C GLY D 4 3.68 -23.39 -16.70
N GLN D 5 4.89 -22.93 -17.07
CA GLN D 5 6.11 -23.24 -16.33
C GLN D 5 7.29 -22.36 -16.71
N GLU D 6 8.40 -22.54 -15.97
CA GLU D 6 9.67 -21.90 -16.22
C GLU D 6 10.17 -22.42 -17.57
N ALA D 7 10.58 -21.50 -18.45
CA ALA D 7 11.05 -21.86 -19.78
C ALA D 7 12.43 -22.54 -19.75
N PRO D 8 12.66 -23.59 -20.58
CA PRO D 8 14.03 -24.16 -20.68
C PRO D 8 14.98 -23.09 -21.22
N ARG D 9 16.26 -23.16 -20.83
CA ARG D 9 17.31 -22.20 -21.19
C ARG D 9 17.47 -21.98 -22.69
N SER D 10 17.27 -23.03 -23.50
CA SER D 10 17.39 -23.01 -24.95
C SER D 10 16.18 -22.39 -25.67
N LYS D 11 15.05 -22.23 -24.97
CA LYS D 11 13.83 -21.69 -25.58
C LYS D 11 13.71 -20.16 -25.49
N TRP D 12 13.00 -19.59 -26.49
CA TRP D 12 12.67 -18.16 -26.65
C TRP D 12 13.89 -17.21 -26.68
N PRO D 13 14.85 -17.41 -27.64
CA PRO D 13 16.03 -16.54 -27.70
C PRO D 13 15.79 -15.06 -28.01
N TRP D 14 14.61 -14.74 -28.56
CA TRP D 14 14.19 -13.39 -28.95
C TRP D 14 13.57 -12.56 -27.82
N GLN D 15 13.23 -13.21 -26.68
CA GLN D 15 12.58 -12.54 -25.55
C GLN D 15 13.43 -11.43 -24.96
N VAL D 16 12.85 -10.24 -24.81
CA VAL D 16 13.57 -9.12 -24.19
C VAL D 16 12.79 -8.54 -22.99
N SER D 17 13.49 -7.84 -22.13
CA SER D 17 12.92 -7.14 -20.98
C SER D 17 13.14 -5.62 -21.17
N LEU D 18 12.08 -4.83 -21.00
CA LEU D 18 12.15 -3.37 -21.06
C LEU D 18 12.31 -2.86 -19.63
N ARG D 19 13.30 -1.96 -19.43
CA ARG D 19 13.68 -1.43 -18.11
C ARG D 19 13.53 0.06 -17.99
N VAL D 20 13.00 0.49 -16.84
CA VAL D 20 12.78 1.90 -16.53
C VAL D 20 13.73 2.33 -15.41
N HIS D 21 14.35 3.51 -15.58
CA HIS D 21 15.26 4.08 -14.59
C HIS D 21 14.53 4.46 -13.29
N GLY D 22 15.14 4.11 -12.16
CA GLY D 22 14.65 4.42 -10.82
C GLY D 22 15.63 3.91 -9.81
N PRO D 23 15.16 3.46 -8.60
CA PRO D 23 16.09 2.88 -7.60
C PRO D 23 16.95 1.77 -8.20
N TYR D 24 16.38 1.07 -9.21
CA TYR D 24 17.04 0.04 -10.02
C TYR D 24 16.38 0.04 -11.40
N TRP D 25 17.04 -0.58 -12.39
CA TRP D 25 16.47 -0.67 -13.76
C TRP D 25 15.39 -1.76 -13.75
N MET D 26 14.17 -1.35 -13.36
CA MET D 26 13.03 -2.23 -13.16
C MET D 26 12.32 -2.66 -14.44
N HIS D 27 11.97 -3.97 -14.52
CA HIS D 27 11.21 -4.52 -15.64
C HIS D 27 9.79 -3.92 -15.60
N PHE D 28 9.29 -3.47 -16.77
CA PHE D 28 7.93 -2.90 -16.87
C PHE D 28 7.16 -3.52 -18.03
N CYS D 29 7.86 -4.12 -18.99
CA CYS D 29 7.21 -4.74 -20.18
C CYS D 29 8.20 -5.69 -20.83
N GLY D 30 7.67 -6.58 -21.64
CA GLY D 30 8.50 -7.46 -22.44
C GLY D 30 8.58 -6.90 -23.85
N GLY D 31 9.31 -7.61 -24.69
CA GLY D 31 9.48 -7.31 -26.10
C GLY D 31 10.08 -8.50 -26.81
N SER D 32 10.33 -8.36 -28.10
CA SER D 32 10.97 -9.39 -28.90
C SER D 32 11.97 -8.81 -29.88
N LEU D 33 13.11 -9.51 -30.06
CA LEU D 33 14.16 -9.11 -30.99
C LEU D 33 13.71 -9.63 -32.36
N ILE D 34 13.38 -8.70 -33.27
CA ILE D 34 12.90 -9.05 -34.62
C ILE D 34 13.96 -8.80 -35.71
N HIS D 35 15.01 -8.08 -35.34
CA HIS D 35 16.17 -7.74 -36.17
C HIS D 35 17.32 -7.47 -35.20
N PRO D 36 18.61 -7.70 -35.58
CA PRO D 36 19.72 -7.41 -34.63
C PRO D 36 19.70 -6.02 -33.98
N GLN D 37 19.06 -5.03 -34.60
CA GLN D 37 18.99 -3.67 -34.04
C GLN D 37 17.55 -3.21 -33.70
N TRP D 38 16.56 -4.12 -33.77
CA TRP D 38 15.15 -3.75 -33.52
C TRP D 38 14.38 -4.65 -32.57
N VAL D 39 13.68 -4.00 -31.65
CA VAL D 39 12.81 -4.65 -30.66
C VAL D 39 11.35 -4.30 -30.98
N LEU D 40 10.51 -5.33 -31.08
CA LEU D 40 9.07 -5.18 -31.25
C LEU D 40 8.45 -5.24 -29.82
N THR D 41 7.53 -4.32 -29.51
CA THR D 41 6.84 -4.22 -28.23
C THR D 41 5.44 -3.66 -28.44
N ALA D 42 4.72 -3.38 -27.33
CA ALA D 42 3.40 -2.78 -27.34
C ALA D 42 3.58 -1.28 -27.15
N ALA D 43 2.82 -0.49 -27.91
CA ALA D 43 2.79 0.97 -27.81
C ALA D 43 2.45 1.45 -26.38
N HIS D 44 1.55 0.73 -25.66
CA HIS D 44 1.12 1.14 -24.31
C HIS D 44 2.22 1.03 -23.28
N CYS D 45 3.28 0.27 -23.59
CA CYS D 45 4.43 0.16 -22.73
C CYS D 45 5.23 1.47 -22.74
N VAL D 46 5.24 2.16 -23.89
CA VAL D 46 6.07 3.36 -24.11
C VAL D 46 5.29 4.63 -24.47
N GLY D 47 3.96 4.53 -24.48
CA GLY D 47 3.08 5.64 -24.85
C GLY D 47 1.70 5.60 -24.22
N PRO D 48 0.75 6.48 -24.65
CA PRO D 48 0.86 7.45 -25.75
C PRO D 48 1.78 8.65 -25.50
N ASP D 49 2.12 8.95 -24.22
CA ASP D 49 2.99 10.10 -23.99
C ASP D 49 4.44 9.80 -24.27
N VAL D 50 5.15 10.80 -24.82
CA VAL D 50 6.58 10.72 -25.13
C VAL D 50 7.39 10.78 -23.83
N LYS D 51 8.27 9.80 -23.61
CA LYS D 51 9.17 9.78 -22.45
C LYS D 51 10.63 9.86 -22.92
N ASP D 52 11.53 10.21 -22.01
CA ASP D 52 12.97 10.35 -22.27
C ASP D 52 13.62 9.02 -22.63
N LEU D 53 14.37 9.00 -23.75
CA LEU D 53 15.13 7.84 -24.27
C LEU D 53 16.15 7.32 -23.24
N ALA D 54 16.78 8.23 -22.46
CA ALA D 54 17.77 7.93 -21.42
C ALA D 54 17.18 7.11 -20.26
N ALA D 55 15.85 7.24 -20.01
CA ALA D 55 15.13 6.55 -18.95
C ALA D 55 14.72 5.10 -19.33
N LEU D 56 15.20 4.64 -20.50
CA LEU D 56 14.89 3.32 -21.04
C LEU D 56 16.13 2.47 -21.39
N ARG D 57 16.09 1.18 -21.00
CA ARG D 57 17.11 0.20 -21.38
C ARG D 57 16.44 -1.08 -21.85
N VAL D 58 17.14 -1.82 -22.73
CA VAL D 58 16.69 -3.12 -23.20
C VAL D 58 17.63 -4.18 -22.61
N GLN D 59 17.04 -5.24 -22.07
CA GLN D 59 17.78 -6.39 -21.54
C GLN D 59 17.42 -7.56 -22.44
N LEU D 60 18.44 -8.25 -23.02
CA LEU D 60 18.24 -9.41 -23.89
C LEU D 60 17.91 -10.68 -23.07
N ARG D 61 17.60 -11.82 -23.76
CA ARG D 61 17.23 -13.05 -23.06
C ARG D 61 17.97 -13.35 -21.77
N GLU D 62 17.20 -13.50 -20.71
CA GLU D 62 17.73 -13.74 -19.38
C GLU D 62 16.92 -14.87 -18.77
N GLN D 63 17.56 -15.91 -18.22
CA GLN D 63 16.81 -17.01 -17.58
C GLN D 63 16.12 -16.53 -16.31
N HIS D 64 16.83 -15.69 -15.54
CA HIS D 64 16.36 -15.09 -14.29
C HIS D 64 16.57 -13.58 -14.34
N LEU D 65 15.45 -12.79 -14.32
CA LEU D 65 15.51 -11.31 -14.39
C LEU D 65 16.46 -10.77 -13.34
N TYR D 66 17.22 -9.73 -13.73
CA TYR D 66 18.13 -8.96 -12.88
C TYR D 66 19.47 -9.62 -12.55
N TYR D 67 19.57 -10.95 -12.71
CA TYR D 67 20.78 -11.72 -12.39
C TYR D 67 22.01 -11.41 -13.24
N GLN D 68 21.89 -11.44 -14.55
CA GLN D 68 23.08 -11.19 -15.36
C GLN D 68 22.84 -10.03 -16.34
N ASP D 69 22.37 -8.88 -15.82
CA ASP D 69 22.05 -7.72 -16.62
C ASP D 69 23.23 -7.10 -17.37
N GLN D 70 23.01 -6.85 -18.67
CA GLN D 70 23.90 -6.15 -19.60
C GLN D 70 22.90 -5.30 -20.41
N LEU D 71 22.57 -4.14 -19.84
CA LEU D 71 21.55 -3.24 -20.38
C LEU D 71 22.00 -2.48 -21.60
N LEU D 72 21.08 -2.33 -22.54
CA LEU D 72 21.31 -1.72 -23.84
C LEU D 72 20.53 -0.43 -24.04
N PRO D 73 21.24 0.66 -24.45
CA PRO D 73 20.53 1.92 -24.72
C PRO D 73 19.75 1.85 -26.03
N VAL D 74 18.74 2.71 -26.12
CA VAL D 74 17.85 2.82 -27.27
C VAL D 74 18.06 4.21 -27.92
N SER D 75 18.14 4.26 -29.27
CA SER D 75 18.32 5.52 -30.02
C SER D 75 16.99 6.07 -30.54
N ARG D 76 15.98 5.19 -30.73
CA ARG D 76 14.68 5.59 -31.22
C ARG D 76 13.53 4.77 -30.67
N ILE D 77 12.43 5.45 -30.32
CA ILE D 77 11.17 4.85 -29.89
C ILE D 77 10.15 5.24 -30.97
N ILE D 78 9.67 4.25 -31.73
CA ILE D 78 8.69 4.49 -32.80
C ILE D 78 7.38 3.84 -32.40
N VAL D 79 6.39 4.67 -32.09
CA VAL D 79 5.07 4.25 -31.66
C VAL D 79 4.10 4.44 -32.81
N HIS D 80 3.25 3.42 -33.07
CA HIS D 80 2.26 3.49 -34.14
C HIS D 80 1.43 4.76 -34.00
N PRO D 81 1.33 5.61 -35.07
CA PRO D 81 0.61 6.88 -34.93
C PRO D 81 -0.88 6.79 -34.65
N GLN D 82 -1.52 5.62 -34.92
CA GLN D 82 -2.94 5.43 -34.62
C GLN D 82 -3.16 5.13 -33.12
N PHE D 83 -2.09 4.78 -32.41
CA PHE D 83 -2.25 4.46 -30.99
C PHE D 83 -2.51 5.58 -29.99
N TYR D 84 -3.52 5.34 -29.14
CA TYR D 84 -3.75 6.08 -27.90
C TYR D 84 -4.16 5.18 -26.77
N THR D 85 -4.93 4.11 -27.05
CA THR D 85 -5.28 3.14 -25.99
C THR D 85 -5.25 1.70 -26.53
N ALA D 86 -4.98 0.72 -25.69
CA ALA D 86 -4.93 -0.70 -26.15
C ALA D 86 -6.32 -1.18 -26.59
N GLN D 87 -7.40 -0.63 -26.01
CA GLN D 87 -8.78 -1.02 -26.36
C GLN D 87 -9.19 -0.54 -27.77
N ILE D 88 -8.63 0.61 -28.20
CA ILE D 88 -8.87 1.10 -29.54
C ILE D 88 -8.05 0.24 -30.54
N GLY D 89 -6.80 -0.03 -30.20
CA GLY D 89 -5.94 -0.83 -31.07
C GLY D 89 -4.67 -0.09 -31.45
N ALA D 90 -3.96 -0.60 -32.49
CA ALA D 90 -2.65 -0.11 -32.98
C ALA D 90 -1.61 -0.17 -31.82
N ASP D 91 -1.79 -1.12 -30.90
CA ASP D 91 -0.91 -1.29 -29.74
C ASP D 91 0.37 -2.02 -30.11
N ILE D 92 1.23 -1.28 -30.81
CA ILE D 92 2.49 -1.75 -31.35
C ILE D 92 3.51 -0.63 -31.40
N ALA D 93 4.77 -0.95 -31.10
CA ALA D 93 5.86 0.01 -31.13
C ALA D 93 7.16 -0.69 -31.50
N LEU D 94 8.17 0.11 -31.90
CA LEU D 94 9.49 -0.38 -32.28
C LEU D 94 10.54 0.37 -31.50
N LEU D 95 11.54 -0.36 -31.02
CA LEU D 95 12.67 0.24 -30.33
C LEU D 95 13.92 -0.03 -31.14
N GLU D 96 14.63 1.03 -31.51
CA GLU D 96 15.87 0.86 -32.25
C GLU D 96 17.00 0.93 -31.24
N LEU D 97 17.79 -0.13 -31.18
CA LEU D 97 18.93 -0.17 -30.25
C LEU D 97 20.03 0.73 -30.81
N GLU D 98 20.81 1.38 -29.93
CA GLU D 98 21.92 2.25 -30.35
C GLU D 98 22.91 1.49 -31.24
N GLU D 99 23.10 0.20 -30.94
CA GLU D 99 24.00 -0.69 -31.66
C GLU D 99 23.31 -2.03 -32.00
N PRO D 100 23.71 -2.72 -33.08
CA PRO D 100 23.12 -4.05 -33.34
C PRO D 100 23.67 -5.08 -32.34
N VAL D 101 22.93 -6.17 -32.11
CA VAL D 101 23.36 -7.21 -31.19
C VAL D 101 24.17 -8.29 -31.93
N LYS D 102 25.10 -8.94 -31.23
CA LYS D 102 25.88 -10.06 -31.80
C LYS D 102 25.02 -11.32 -31.61
N VAL D 103 24.28 -11.69 -32.67
CA VAL D 103 23.36 -12.84 -32.69
C VAL D 103 24.07 -14.20 -32.48
N SER D 104 23.50 -15.04 -31.59
CA SER D 104 24.02 -16.37 -31.26
C SER D 104 22.89 -17.42 -31.20
N SER D 105 23.19 -18.63 -30.65
CA SER D 105 22.22 -19.71 -30.50
C SER D 105 21.27 -19.39 -29.32
N HIS D 106 21.81 -18.78 -28.25
CA HIS D 106 21.06 -18.42 -27.05
C HIS D 106 20.25 -17.12 -27.18
N VAL D 107 20.73 -16.17 -28.02
CA VAL D 107 20.09 -14.88 -28.29
C VAL D 107 20.04 -14.59 -29.81
N HIS D 108 18.84 -14.71 -30.41
CA HIS D 108 18.59 -14.42 -31.83
C HIS D 108 17.16 -13.94 -32.12
N THR D 109 16.91 -13.47 -33.34
CA THR D 109 15.62 -12.94 -33.76
C THR D 109 14.50 -13.97 -33.92
N VAL D 110 13.25 -13.50 -33.81
CA VAL D 110 12.04 -14.26 -34.08
C VAL D 110 11.64 -13.93 -35.55
N THR D 111 10.95 -14.87 -36.21
CA THR D 111 10.48 -14.66 -37.58
C THR D 111 9.08 -14.05 -37.50
N LEU D 112 8.85 -12.99 -38.30
CA LEU D 112 7.52 -12.39 -38.41
C LEU D 112 6.69 -13.30 -39.32
N PRO D 113 5.36 -13.41 -39.16
CA PRO D 113 4.60 -14.33 -40.01
C PRO D 113 4.38 -13.75 -41.41
N PRO D 114 4.10 -14.60 -42.43
CA PRO D 114 3.78 -14.03 -43.75
C PRO D 114 2.38 -13.35 -43.66
N ALA D 115 2.09 -12.36 -44.53
CA ALA D 115 0.80 -11.64 -44.50
C ALA D 115 -0.44 -12.54 -44.51
N SER D 116 -0.37 -13.69 -45.23
CA SER D 116 -1.45 -14.68 -45.38
C SER D 116 -1.71 -15.48 -44.09
N GLU D 117 -0.76 -15.43 -43.13
CA GLU D 117 -0.83 -16.18 -41.89
C GLU D 117 -1.95 -15.83 -40.94
N THR D 118 -2.84 -16.80 -40.77
CA THR D 118 -3.95 -16.75 -39.86
C THR D 118 -3.44 -17.83 -38.92
N PHE D 119 -3.77 -17.72 -37.67
CA PHE D 119 -3.36 -18.67 -36.68
C PHE D 119 -4.71 -19.23 -36.14
N PRO D 120 -5.27 -20.29 -36.76
CA PRO D 120 -6.57 -20.80 -36.29
C PRO D 120 -6.47 -21.60 -34.98
N PRO D 121 -7.63 -21.89 -34.33
CA PRO D 121 -7.59 -22.77 -33.14
C PRO D 121 -6.89 -24.10 -33.44
N GLY D 122 -6.27 -24.66 -32.42
CA GLY D 122 -5.57 -25.94 -32.52
C GLY D 122 -4.07 -25.83 -32.78
N MET D 123 -3.63 -24.67 -33.27
CA MET D 123 -2.24 -24.33 -33.55
C MET D 123 -1.46 -24.27 -32.20
N PRO D 124 -0.25 -24.86 -32.13
CA PRO D 124 0.50 -24.81 -30.85
C PRO D 124 1.16 -23.44 -30.67
N CYS D 125 0.61 -22.63 -29.72
CA CYS D 125 1.12 -21.27 -29.45
C CYS D 125 1.48 -21.07 -28.00
N TRP D 126 2.60 -20.37 -27.78
CA TRP D 126 3.10 -20.02 -26.45
C TRP D 126 3.26 -18.50 -26.32
N VAL D 127 2.93 -18.01 -25.14
CA VAL D 127 3.17 -16.63 -24.70
C VAL D 127 4.19 -16.73 -23.54
N THR D 128 5.18 -15.85 -23.56
CA THR D 128 6.30 -15.83 -22.63
C THR D 128 6.50 -14.44 -21.98
N GLY D 129 7.11 -14.46 -20.80
CA GLY D 129 7.39 -13.23 -20.08
C GLY D 129 7.66 -13.40 -18.60
N TRP D 130 7.99 -12.29 -17.93
CA TRP D 130 8.28 -12.22 -16.52
C TRP D 130 7.17 -11.47 -15.74
N GLY D 131 5.97 -11.43 -16.31
CA GLY D 131 4.83 -10.77 -15.70
C GLY D 131 4.21 -11.54 -14.56
N ASP D 132 3.15 -10.95 -13.97
CA ASP D 132 2.40 -11.53 -12.87
C ASP D 132 1.96 -12.99 -13.13
N VAL D 133 1.97 -13.81 -12.08
CA VAL D 133 1.57 -15.23 -12.13
C VAL D 133 0.04 -15.44 -11.97
N ASP D 134 -0.65 -14.36 -11.58
CA ASP D 134 -2.10 -14.25 -11.42
C ASP D 134 -2.45 -12.78 -11.14
N ASN D 135 -3.75 -12.46 -11.07
CA ASN D 135 -4.23 -11.11 -10.75
C ASN D 135 -3.65 -10.68 -9.38
N ASP D 136 -2.86 -9.58 -9.36
CA ASP D 136 -2.21 -9.00 -8.17
C ASP D 136 -1.29 -10.00 -7.43
N GLU D 137 -0.61 -10.86 -8.20
CA GLU D 137 0.32 -11.89 -7.72
C GLU D 137 1.60 -11.73 -8.55
N ARG D 138 2.64 -11.12 -7.95
CA ARG D 138 3.91 -10.88 -8.64
C ARG D 138 4.65 -12.18 -8.93
N LEU D 139 5.48 -12.18 -10.00
CA LEU D 139 6.36 -13.33 -10.29
C LEU D 139 7.38 -13.33 -9.13
N PRO D 140 7.48 -14.42 -8.34
CA PRO D 140 8.41 -14.39 -7.19
C PRO D 140 9.89 -14.40 -7.59
N PRO D 141 10.82 -13.88 -6.74
CA PRO D 141 12.26 -14.04 -7.04
C PRO D 141 12.62 -15.55 -7.09
N PRO D 142 13.60 -16.04 -7.87
CA PRO D 142 14.59 -15.35 -8.72
C PRO D 142 14.09 -14.92 -10.11
N PHE D 143 12.77 -14.77 -10.27
CA PHE D 143 12.14 -14.24 -11.49
C PHE D 143 12.46 -15.03 -12.76
N PRO D 144 12.09 -16.33 -12.82
CA PRO D 144 12.38 -17.09 -14.05
C PRO D 144 11.50 -16.66 -15.22
N LEU D 145 12.04 -16.76 -16.43
CA LEU D 145 11.24 -16.52 -17.61
C LEU D 145 10.23 -17.67 -17.68
N LYS D 146 8.95 -17.32 -17.74
CA LYS D 146 7.88 -18.31 -17.82
C LYS D 146 7.32 -18.39 -19.23
N GLN D 147 6.67 -19.51 -19.52
CA GLN D 147 5.98 -19.79 -20.79
C GLN D 147 4.65 -20.46 -20.44
N VAL D 148 3.69 -20.30 -21.31
CA VAL D 148 2.41 -20.98 -21.19
C VAL D 148 1.86 -21.21 -22.58
N LYS D 149 1.41 -22.45 -22.85
CA LYS D 149 0.76 -22.82 -24.10
C LYS D 149 -0.66 -22.28 -24.00
N VAL D 150 -1.09 -21.50 -24.97
CA VAL D 150 -2.40 -20.88 -24.92
C VAL D 150 -3.23 -21.23 -26.16
N PRO D 151 -4.53 -21.57 -25.97
CA PRO D 151 -5.36 -21.88 -27.14
C PRO D 151 -5.86 -20.62 -27.84
N ILE D 152 -5.71 -20.61 -29.17
CA ILE D 152 -6.19 -19.52 -30.02
C ILE D 152 -7.72 -19.63 -30.06
N MET D 153 -8.38 -18.48 -29.99
CA MET D 153 -9.82 -18.39 -30.09
C MET D 153 -10.05 -17.47 -31.26
N GLU D 154 -10.97 -17.86 -32.18
CA GLU D 154 -11.33 -17.02 -33.35
C GLU D 154 -11.89 -15.69 -32.85
N ASN D 155 -11.57 -14.58 -33.56
CA ASN D 155 -11.98 -13.20 -33.24
C ASN D 155 -13.45 -12.94 -32.96
N HIS D 156 -14.38 -13.56 -33.74
CA HIS D 156 -15.82 -13.32 -33.57
C HIS D 156 -16.38 -13.98 -32.34
N ILE D 157 -15.83 -15.15 -31.99
CA ILE D 157 -16.19 -15.94 -30.82
C ILE D 157 -15.64 -15.18 -29.60
N CYS D 158 -14.39 -14.69 -29.72
CA CYS D 158 -13.73 -13.91 -28.69
C CYS D 158 -14.46 -12.57 -28.46
N ASP D 159 -14.90 -11.91 -29.54
CA ASP D 159 -15.65 -10.65 -29.46
C ASP D 159 -16.95 -10.87 -28.67
N ALA D 160 -17.72 -11.89 -29.07
CA ALA D 160 -18.96 -12.32 -28.41
C ALA D 160 -18.74 -12.65 -26.92
N LYS D 161 -17.58 -13.32 -26.58
CA LYS D 161 -17.22 -13.61 -25.19
C LYS D 161 -17.06 -12.37 -24.30
N TYR D 162 -16.45 -11.29 -24.87
CA TYR D 162 -16.27 -10.00 -24.19
C TYR D 162 -17.61 -9.27 -23.96
N HIS D 163 -18.65 -9.65 -24.71
CA HIS D 163 -20.01 -9.10 -24.54
C HIS D 163 -20.79 -9.81 -23.42
N LEU D 164 -20.38 -11.03 -23.02
CA LEU D 164 -21.05 -11.80 -21.98
C LEU D 164 -20.83 -11.15 -20.64
N GLY D 165 -21.93 -10.87 -19.93
CA GLY D 165 -21.91 -10.21 -18.63
C GLY D 165 -21.50 -8.75 -18.71
N ALA D 166 -21.70 -8.12 -19.90
CA ALA D 166 -21.39 -6.71 -20.17
C ALA D 166 -22.62 -6.00 -20.78
N TYR D 167 -22.70 -4.66 -20.67
CA TYR D 167 -23.81 -3.88 -21.21
C TYR D 167 -23.66 -3.55 -22.71
N THR D 168 -22.43 -3.69 -23.22
CA THR D 168 -22.04 -3.34 -24.58
C THR D 168 -22.92 -4.06 -25.60
N GLY D 169 -23.48 -3.31 -26.54
CA GLY D 169 -24.31 -3.85 -27.60
C GLY D 169 -23.57 -4.86 -28.43
N ASP D 170 -24.25 -5.94 -28.85
CA ASP D 170 -23.65 -7.05 -29.64
C ASP D 170 -23.09 -6.58 -30.98
N ASP D 171 -23.67 -5.51 -31.51
CA ASP D 171 -23.29 -4.85 -32.75
C ASP D 171 -22.02 -3.97 -32.59
N VAL D 172 -21.56 -3.75 -31.33
CA VAL D 172 -20.36 -2.95 -31.02
C VAL D 172 -19.16 -3.90 -30.92
N ARG D 173 -18.19 -3.74 -31.84
CA ARG D 173 -17.01 -4.60 -31.85
C ARG D 173 -15.95 -4.22 -30.80
N ILE D 174 -15.69 -5.14 -29.88
CA ILE D 174 -14.72 -4.94 -28.80
C ILE D 174 -13.38 -5.48 -29.26
N VAL D 175 -13.37 -6.70 -29.77
CA VAL D 175 -12.16 -7.38 -30.24
C VAL D 175 -12.12 -7.07 -31.73
N ARG D 176 -11.17 -6.21 -32.14
CA ARG D 176 -11.04 -5.70 -33.51
C ARG D 176 -10.25 -6.65 -34.40
N ASP D 177 -10.29 -6.41 -35.72
CA ASP D 177 -9.60 -7.22 -36.73
C ASP D 177 -8.08 -7.16 -36.62
N ASP D 178 -7.55 -6.06 -36.05
CA ASP D 178 -6.12 -5.88 -35.81
C ASP D 178 -5.71 -6.53 -34.46
N MET D 179 -6.62 -7.31 -33.86
CA MET D 179 -6.40 -8.00 -32.60
C MET D 179 -6.53 -9.50 -32.79
N LEU D 180 -6.02 -10.25 -31.83
CA LEU D 180 -6.00 -11.71 -31.83
C LEU D 180 -6.24 -12.13 -30.38
N CYS D 181 -6.99 -13.22 -30.13
CA CYS D 181 -7.24 -13.75 -28.79
C CYS D 181 -6.61 -15.11 -28.60
N ALA D 182 -6.19 -15.38 -27.36
CA ALA D 182 -5.60 -16.64 -26.90
C ALA D 182 -5.67 -16.67 -25.38
N GLY D 183 -5.78 -17.88 -24.85
CA GLY D 183 -5.83 -18.18 -23.43
C GLY D 183 -7.19 -18.60 -22.92
N ASN D 184 -7.19 -19.06 -21.68
CA ASN D 184 -8.40 -19.49 -20.97
C ASN D 184 -8.23 -19.20 -19.47
N THR D 185 -9.05 -19.83 -18.61
CA THR D 185 -9.02 -19.62 -17.16
C THR D 185 -7.80 -20.22 -16.43
N ARG D 186 -6.94 -20.96 -17.12
CA ARG D 186 -5.76 -21.54 -16.48
C ARG D 186 -4.46 -21.08 -17.18
N ARG D 187 -4.58 -20.51 -18.40
CA ARG D 187 -3.44 -20.13 -19.23
C ARG D 187 -3.65 -18.69 -19.72
N ASP D 188 -2.67 -17.80 -19.45
CA ASP D 188 -2.78 -16.42 -19.91
C ASP D 188 -1.50 -15.63 -19.66
N SER D 189 -1.46 -14.46 -20.29
CA SER D 189 -0.43 -13.44 -20.08
C SER D 189 -1.02 -12.57 -18.94
N CYS D 190 -0.18 -11.79 -18.26
CA CYS D 190 -0.65 -10.93 -17.17
C CYS D 190 0.21 -9.66 -17.08
N GLN D 191 -0.13 -8.71 -16.13
CA GLN D 191 0.60 -7.43 -15.94
C GLN D 191 2.14 -7.71 -15.94
N GLY D 192 2.90 -7.01 -16.79
CA GLY D 192 4.33 -7.24 -16.88
C GLY D 192 4.75 -8.07 -18.08
N ASP D 193 3.78 -8.78 -18.70
CA ASP D 193 4.02 -9.57 -19.93
C ASP D 193 3.77 -8.73 -21.16
N SER D 194 3.00 -7.61 -21.00
CA SER D 194 2.69 -6.66 -22.06
C SER D 194 3.87 -6.32 -22.96
N GLY D 195 3.64 -6.31 -24.27
CA GLY D 195 4.72 -6.02 -25.22
C GLY D 195 5.50 -7.23 -25.66
N GLY D 196 5.42 -8.31 -24.87
CA GLY D 196 6.06 -9.56 -25.16
C GLY D 196 5.41 -10.37 -26.27
N PRO D 197 6.05 -11.48 -26.67
CA PRO D 197 5.53 -12.25 -27.81
C PRO D 197 4.59 -13.42 -27.55
N LEU D 198 3.72 -13.65 -28.53
CA LEU D 198 2.87 -14.81 -28.68
C LEU D 198 3.44 -15.47 -29.94
N VAL D 199 4.03 -16.65 -29.77
CA VAL D 199 4.65 -17.39 -30.88
C VAL D 199 3.94 -18.70 -31.17
N CYS D 200 3.77 -19.02 -32.48
CA CYS D 200 3.15 -20.27 -32.92
C CYS D 200 4.12 -21.04 -33.83
N LYS D 201 4.20 -22.37 -33.65
CA LYS D 201 5.06 -23.19 -34.51
C LYS D 201 4.25 -23.58 -35.76
N VAL D 202 4.69 -23.08 -36.91
CA VAL D 202 4.06 -23.31 -38.22
C VAL D 202 5.15 -23.89 -39.16
N ASN D 203 4.94 -25.12 -39.69
CA ASN D 203 5.88 -25.82 -40.61
C ASN D 203 7.33 -25.86 -40.08
N GLY D 204 7.47 -26.20 -38.79
CA GLY D 204 8.76 -26.23 -38.11
C GLY D 204 9.42 -24.87 -37.84
N THR D 205 8.69 -23.76 -38.08
CA THR D 205 9.19 -22.40 -37.85
C THR D 205 8.33 -21.66 -36.82
N TRP D 206 8.99 -21.02 -35.84
CA TRP D 206 8.31 -20.20 -34.84
C TRP D 206 8.02 -18.84 -35.45
N LEU D 207 6.74 -18.47 -35.49
CA LEU D 207 6.28 -17.20 -36.04
C LEU D 207 5.62 -16.37 -34.95
N GLN D 208 5.94 -15.07 -34.88
CA GLN D 208 5.30 -14.23 -33.88
C GLN D 208 3.92 -13.78 -34.36
N ALA D 209 2.89 -14.45 -33.83
CA ALA D 209 1.48 -14.18 -34.13
C ALA D 209 0.99 -12.86 -33.51
N GLY D 210 1.39 -12.61 -32.27
CA GLY D 210 0.92 -11.46 -31.54
C GLY D 210 1.87 -10.77 -30.59
N VAL D 211 1.42 -9.60 -30.12
CA VAL D 211 2.09 -8.79 -29.10
C VAL D 211 1.10 -8.71 -27.93
N VAL D 212 1.55 -9.07 -26.69
CA VAL D 212 0.70 -8.98 -25.48
C VAL D 212 0.18 -7.55 -25.38
N SER D 213 -1.14 -7.37 -25.39
CA SER D 213 -1.75 -6.04 -25.40
C SER D 213 -2.63 -5.76 -24.20
N TRP D 214 -3.78 -6.44 -24.08
CA TRP D 214 -4.69 -6.19 -22.97
C TRP D 214 -5.63 -7.36 -22.73
N GLY D 215 -6.61 -7.12 -21.88
CA GLY D 215 -7.67 -8.04 -21.53
C GLY D 215 -8.30 -7.56 -20.24
N GLU D 216 -9.35 -8.25 -19.80
CA GLU D 216 -9.97 -7.89 -18.53
C GLU D 216 -9.42 -8.88 -17.52
N GLY D 217 -8.47 -8.41 -16.73
CA GLY D 217 -7.78 -9.24 -15.75
C GLY D 217 -6.94 -10.29 -16.45
N CYS D 218 -6.61 -11.34 -15.71
CA CYS D 218 -5.77 -12.43 -16.20
C CYS D 218 -6.47 -13.76 -15.91
N ALA D 219 -6.63 -14.61 -16.96
CA ALA D 219 -7.27 -15.93 -16.88
C ALA D 219 -8.67 -15.89 -16.22
N GLN D 220 -9.48 -14.88 -16.58
CA GLN D 220 -10.83 -14.68 -16.06
C GLN D 220 -11.83 -15.35 -17.00
N PRO D 221 -12.96 -15.89 -16.47
CA PRO D 221 -13.97 -16.48 -17.37
C PRO D 221 -14.49 -15.50 -18.40
N ASN D 222 -14.58 -15.96 -19.67
CA ASN D 222 -15.10 -15.19 -20.81
C ASN D 222 -14.28 -13.96 -21.16
N ARG D 223 -13.02 -13.91 -20.69
CA ARG D 223 -12.11 -12.77 -20.97
C ARG D 223 -10.74 -13.26 -21.46
N PRO D 224 -10.62 -13.89 -22.66
CA PRO D 224 -9.29 -14.33 -23.14
C PRO D 224 -8.31 -13.15 -23.31
N GLY D 225 -7.01 -13.48 -23.32
CA GLY D 225 -5.95 -12.50 -23.51
C GLY D 225 -6.04 -11.91 -24.89
N ILE D 226 -5.87 -10.57 -24.99
CA ILE D 226 -5.94 -9.88 -26.29
C ILE D 226 -4.54 -9.44 -26.73
N TYR D 227 -4.21 -9.77 -27.97
CA TYR D 227 -2.92 -9.52 -28.57
C TYR D 227 -3.06 -8.62 -29.78
N THR D 228 -2.03 -7.81 -30.05
CA THR D 228 -1.97 -7.05 -31.30
C THR D 228 -1.63 -8.12 -32.34
N ARG D 229 -2.44 -8.20 -33.41
CA ARG D 229 -2.24 -9.13 -34.53
C ARG D 229 -1.11 -8.60 -35.42
N VAL D 230 0.07 -9.25 -35.35
CA VAL D 230 1.30 -8.87 -36.05
C VAL D 230 1.11 -8.66 -37.56
N THR D 231 0.40 -9.62 -38.25
CA THR D 231 0.14 -9.57 -39.70
C THR D 231 -0.47 -8.26 -40.17
N TYR D 232 -1.26 -7.61 -39.30
CA TYR D 232 -1.91 -6.35 -39.61
C TYR D 232 -0.92 -5.18 -39.70
N TYR D 233 0.26 -5.29 -39.04
CA TYR D 233 1.22 -4.18 -39.01
C TYR D 233 2.54 -4.42 -39.75
N LEU D 234 2.62 -5.49 -40.55
CA LEU D 234 3.83 -5.85 -41.31
C LEU D 234 4.40 -4.72 -42.16
N ASP D 235 3.51 -3.99 -42.88
CA ASP D 235 3.92 -2.86 -43.73
C ASP D 235 4.52 -1.75 -42.91
N TRP D 236 3.86 -1.40 -41.78
CA TRP D 236 4.37 -0.37 -40.87
C TRP D 236 5.75 -0.79 -40.27
N ILE D 237 5.87 -2.06 -39.83
CA ILE D 237 7.14 -2.62 -39.29
C ILE D 237 8.24 -2.54 -40.38
N HIS D 238 7.90 -2.96 -41.61
CA HIS D 238 8.79 -2.94 -42.77
C HIS D 238 9.25 -1.57 -43.24
N HIS D 239 8.53 -0.46 -42.85
CA HIS D 239 8.93 0.92 -43.16
C HIS D 239 10.24 1.23 -42.44
N TYR D 240 10.43 0.65 -41.23
CA TYR D 240 11.57 0.91 -40.35
C TYR D 240 12.60 -0.22 -40.25
N VAL D 241 12.14 -1.48 -40.26
CA VAL D 241 12.99 -2.66 -40.06
C VAL D 241 13.38 -3.33 -41.41
N PRO D 242 14.71 -3.49 -41.68
CA PRO D 242 15.13 -4.13 -42.95
C PRO D 242 14.72 -5.59 -43.14
N LYS D 243 14.60 -6.33 -42.13
#